data_8VZK
#
_entry.id   8VZK
#
_cell.length_a   111.327
_cell.length_b   111.327
_cell.length_c   193.164
_cell.angle_alpha   90.000
_cell.angle_beta   90.000
_cell.angle_gamma   120.000
#
_symmetry.space_group_name_H-M   'P 31 2 1'
#
loop_
_entity.id
_entity.type
_entity.pdbx_description
1 polymer 'Oxalyl-CoA decarboxylase'
2 non-polymer 'THIAMINE DIPHOSPHATE'
3 non-polymer "ADENOSINE-5'-DIPHOSPHATE"
4 non-polymer 'MAGNESIUM ION'
5 non-polymer 1,2-ETHANEDIOL
6 non-polymer DI(HYDROXYETHYL)ETHER
7 water water
#
_entity_poly.entity_id   1
_entity_poly.type   'polypeptide(L)'
_entity_poly.pdbx_seq_one_letter_code
;MPEGPVAEIDGQTIIARALKQQGVEAMFGVVGIPVTGIAAAAQREGIKYVGMRHEMPATYAAQAVSYLGGRLGTALAVSG
PGVLNAVAAFANAWSNRWPMILIGGSYEQTGHLMGFFQEADQLSALKPYAKYAERVERLERIPIYVAEAVKKALHGVPGP
AYLELPGDIITAKIDESKVEWAPRVPDPKRTLSDPADVEAAIAALKTAQQPLIIVGKGVAASRAEVEIRAFVEKTGIPYL
AMPMAKGLIPDDHDQSAAAARSFVLQNADLIFLVGARLNWMLHFGLPPRFRPDVRVVQLDFNPEEIGINVPTEVGMIGDA
KATLSQLLDVLDRDGWRFPDDSEWVTAVSAEARQNAEAVQAMMQEDTQPLGYYRALRSIDERLPKDAIFVAEGASTMDIS
RTVINQYLPRTRLDAGSFGSMGLGHGFAIGAATQFPGKRVICLQGDGAFGFAGTECEVAVRYNLPITWIVFNNGGIGGHR
AELFERDQKPVGGMSLGARYDILMQGLGGAAFNATNSDELDAAIEAALKIDGPSLINVPLDPDAKRKPQKFGWLTRTNE
;
_entity_poly.pdbx_strand_id   A,B
#
loop_
_chem_comp.id
_chem_comp.type
_chem_comp.name
_chem_comp.formula
ADP non-polymer ADENOSINE-5'-DIPHOSPHATE 'C10 H15 N5 O10 P2'
EDO non-polymer 1,2-ETHANEDIOL 'C2 H6 O2'
MG non-polymer 'MAGNESIUM ION' 'Mg 2'
PEG non-polymer DI(HYDROXYETHYL)ETHER 'C4 H10 O3'
TPP non-polymer 'THIAMINE DIPHOSPHATE' 'C12 H19 N4 O7 P2 S 1'
#
# COMPACT_ATOMS: atom_id res chain seq x y z
N VAL A 6 -2.82 -44.59 -4.53
CA VAL A 6 -2.99 -43.32 -3.86
C VAL A 6 -2.54 -42.17 -4.77
N ALA A 7 -3.51 -41.42 -5.28
CA ALA A 7 -3.24 -40.24 -6.10
C ALA A 7 -3.31 -39.01 -5.18
N GLU A 8 -2.15 -38.41 -4.91
CA GLU A 8 -2.06 -37.35 -3.93
C GLU A 8 -2.24 -35.97 -4.58
N ILE A 9 -2.49 -34.98 -3.74
CA ILE A 9 -2.72 -33.60 -4.16
C ILE A 9 -2.36 -32.69 -3.00
N ASP A 10 -1.70 -31.58 -3.30
CA ASP A 10 -1.29 -30.64 -2.27
C ASP A 10 -2.34 -29.56 -2.05
N GLY A 11 -2.10 -28.73 -1.04
CA GLY A 11 -3.09 -27.73 -0.66
C GLY A 11 -3.29 -26.66 -1.72
N GLN A 12 -2.21 -26.19 -2.33
CA GLN A 12 -2.32 -25.10 -3.30
C GLN A 12 -3.12 -25.52 -4.52
N THR A 13 -3.08 -26.80 -4.89
CA THR A 13 -3.88 -27.27 -6.01
C THR A 13 -5.37 -27.32 -5.63
N ILE A 14 -5.67 -27.72 -4.39
CA ILE A 14 -7.05 -27.75 -3.94
C ILE A 14 -7.64 -26.35 -3.96
N ILE A 15 -6.87 -25.36 -3.53
CA ILE A 15 -7.34 -23.97 -3.55
C ILE A 15 -7.66 -23.54 -4.97
N ALA A 16 -6.70 -23.73 -5.88
CA ALA A 16 -6.89 -23.30 -7.26
C ALA A 16 -8.02 -24.04 -7.94
N ARG A 17 -8.12 -25.36 -7.71
CA ARG A 17 -9.18 -26.15 -8.32
C ARG A 17 -10.54 -25.76 -7.77
N ALA A 18 -10.63 -25.50 -6.47
CA ALA A 18 -11.90 -25.06 -5.89
C ALA A 18 -12.31 -23.70 -6.46
N LEU A 19 -11.35 -22.80 -6.65
CA LEU A 19 -11.66 -21.49 -7.21
C LEU A 19 -12.18 -21.62 -8.64
N LYS A 20 -11.52 -22.45 -9.45
CA LYS A 20 -11.98 -22.64 -10.82
C LYS A 20 -13.37 -23.26 -10.85
N GLN A 21 -13.66 -24.18 -9.93
CA GLN A 21 -14.99 -24.75 -9.84
C GLN A 21 -16.03 -23.74 -9.39
N GLN A 22 -15.62 -22.66 -8.73
CA GLN A 22 -16.52 -21.61 -8.32
C GLN A 22 -16.66 -20.50 -9.35
N GLY A 23 -16.11 -20.69 -10.56
CA GLY A 23 -16.23 -19.70 -11.59
C GLY A 23 -15.20 -18.59 -11.54
N VAL A 24 -14.09 -18.79 -10.82
CA VAL A 24 -13.03 -17.80 -10.78
C VAL A 24 -12.15 -17.95 -12.01
N GLU A 25 -11.88 -16.84 -12.70
CA GLU A 25 -11.10 -16.86 -13.92
C GLU A 25 -9.83 -16.03 -13.87
N ALA A 26 -9.71 -15.08 -12.94
CA ALA A 26 -8.57 -14.19 -12.88
C ALA A 26 -8.06 -14.10 -11.44
N MET A 27 -6.74 -13.95 -11.31
CA MET A 27 -6.09 -13.81 -10.01
C MET A 27 -4.93 -12.83 -10.15
N PHE A 28 -4.81 -11.94 -9.17
CA PHE A 28 -3.76 -10.92 -9.16
C PHE A 28 -2.99 -11.01 -7.85
N GLY A 29 -1.78 -10.49 -7.85
CA GLY A 29 -1.00 -10.39 -6.63
C GLY A 29 0.47 -10.57 -6.89
N VAL A 30 1.24 -10.49 -5.80
CA VAL A 30 2.68 -10.65 -5.82
C VAL A 30 3.03 -11.95 -5.09
N VAL A 31 3.75 -12.83 -5.78
CA VAL A 31 4.06 -14.15 -5.24
C VAL A 31 5.13 -14.04 -4.17
N GLY A 32 5.43 -15.15 -3.51
CA GLY A 32 6.37 -15.18 -2.41
C GLY A 32 5.96 -16.24 -1.42
N ILE A 33 6.67 -16.25 -0.29
CA ILE A 33 6.38 -17.23 0.76
C ILE A 33 5.04 -16.87 1.40
N PRO A 34 4.11 -17.83 1.56
CA PRO A 34 4.15 -19.19 1.04
C PRO A 34 3.15 -19.41 -0.08
N VAL A 35 2.83 -18.37 -0.85
CA VAL A 35 1.74 -18.40 -1.80
C VAL A 35 2.21 -18.57 -3.24
N THR A 36 3.51 -18.80 -3.44
CA THR A 36 4.02 -18.93 -4.80
C THR A 36 3.41 -20.12 -5.53
N GLY A 37 3.26 -21.25 -4.82
CA GLY A 37 2.68 -22.43 -5.44
C GLY A 37 1.21 -22.28 -5.74
N ILE A 38 0.52 -21.40 -5.00
CA ILE A 38 -0.89 -21.15 -5.26
C ILE A 38 -1.07 -20.50 -6.63
N ALA A 39 -0.18 -19.58 -6.99
CA ALA A 39 -0.24 -18.96 -8.32
C ALA A 39 0.12 -19.97 -9.41
N ALA A 40 1.14 -20.80 -9.15
CA ALA A 40 1.53 -21.81 -10.14
C ALA A 40 0.42 -22.83 -10.34
N ALA A 41 -0.24 -23.24 -9.27
CA ALA A 41 -1.37 -24.16 -9.40
C ALA A 41 -2.55 -23.49 -10.07
N ALA A 42 -2.74 -22.18 -9.87
CA ALA A 42 -3.85 -21.49 -10.50
C ALA A 42 -3.71 -21.47 -12.01
N GLN A 43 -2.49 -21.28 -12.52
CA GLN A 43 -2.29 -21.30 -13.96
C GLN A 43 -2.52 -22.69 -14.53
N ARG A 44 -2.13 -23.73 -13.79
CA ARG A 44 -2.35 -25.10 -14.27
C ARG A 44 -3.81 -25.50 -14.20
N GLU A 45 -4.57 -24.92 -13.27
CA GLU A 45 -5.98 -25.24 -13.10
C GLU A 45 -6.90 -24.44 -14.02
N GLY A 46 -6.34 -23.49 -14.79
CA GLY A 46 -7.11 -22.74 -15.75
C GLY A 46 -7.43 -21.31 -15.38
N ILE A 47 -6.89 -20.82 -14.27
CA ILE A 47 -7.10 -19.45 -13.82
C ILE A 47 -5.90 -18.63 -14.26
N LYS A 48 -6.14 -17.60 -15.06
CA LYS A 48 -5.05 -16.75 -15.53
C LYS A 48 -4.52 -15.91 -14.38
N TYR A 49 -3.21 -16.00 -14.13
CA TYR A 49 -2.55 -15.22 -13.09
C TYR A 49 -1.89 -14.00 -13.71
N VAL A 50 -1.97 -12.88 -13.01
CA VAL A 50 -1.37 -11.62 -13.43
C VAL A 50 -0.47 -11.14 -12.30
N GLY A 51 0.85 -11.22 -12.52
CA GLY A 51 1.79 -10.78 -11.51
C GLY A 51 1.92 -9.27 -11.44
N MET A 52 1.42 -8.69 -10.35
CA MET A 52 1.47 -7.25 -10.16
C MET A 52 2.77 -6.88 -9.44
N ARG A 53 2.92 -5.60 -9.10
CA ARG A 53 4.10 -5.12 -8.40
C ARG A 53 3.80 -4.63 -6.99
N HIS A 54 2.53 -4.60 -6.59
CA HIS A 54 2.12 -4.19 -5.26
C HIS A 54 0.77 -4.82 -4.98
N GLU A 55 0.54 -5.21 -3.73
CA GLU A 55 -0.71 -5.88 -3.39
C GLU A 55 -1.91 -4.95 -3.43
N MET A 56 -1.69 -3.63 -3.33
CA MET A 56 -2.83 -2.71 -3.34
C MET A 56 -3.53 -2.68 -4.69
N PRO A 57 -2.86 -2.43 -5.82
CA PRO A 57 -3.59 -2.45 -7.10
C PRO A 57 -4.02 -3.85 -7.51
N ALA A 58 -3.32 -4.89 -7.04
CA ALA A 58 -3.76 -6.25 -7.33
C ALA A 58 -5.13 -6.53 -6.73
N THR A 59 -5.37 -6.02 -5.52
CA THR A 59 -6.69 -6.19 -4.91
C THR A 59 -7.73 -5.33 -5.62
N TYR A 60 -7.36 -4.12 -6.03
CA TYR A 60 -8.27 -3.30 -6.84
C TYR A 60 -8.60 -3.97 -8.17
N ALA A 61 -7.64 -4.70 -8.73
CA ALA A 61 -7.91 -5.43 -9.98
C ALA A 61 -8.95 -6.51 -9.76
N ALA A 62 -8.95 -7.14 -8.58
CA ALA A 62 -9.89 -8.22 -8.31
C ALA A 62 -11.32 -7.70 -8.26
N GLN A 63 -11.56 -6.63 -7.50
CA GLN A 63 -12.90 -6.08 -7.40
C GLN A 63 -13.37 -5.51 -8.73
N ALA A 64 -12.45 -5.01 -9.55
CA ALA A 64 -12.82 -4.54 -10.89
C ALA A 64 -13.32 -5.70 -11.75
N VAL A 65 -12.61 -6.83 -11.72
CA VAL A 65 -13.05 -8.01 -12.44
C VAL A 65 -14.43 -8.46 -11.96
N SER A 66 -14.68 -8.36 -10.66
CA SER A 66 -15.98 -8.74 -10.12
C SER A 66 -17.08 -7.80 -10.62
N TYR A 67 -16.84 -6.49 -10.51
CA TYR A 67 -17.84 -5.51 -10.94
C TYR A 67 -18.12 -5.62 -12.44
N LEU A 68 -17.07 -5.77 -13.25
CA LEU A 68 -17.24 -5.83 -14.69
C LEU A 68 -17.70 -7.21 -15.14
N GLY A 69 -17.08 -8.26 -14.61
CA GLY A 69 -17.42 -9.61 -15.04
C GLY A 69 -18.77 -10.07 -14.51
N GLY A 70 -19.09 -9.70 -13.29
CA GLY A 70 -20.34 -10.08 -12.65
C GLY A 70 -20.23 -11.28 -11.74
N ARG A 71 -19.05 -11.82 -11.53
CA ARG A 71 -18.89 -12.97 -10.65
C ARG A 71 -17.88 -12.55 -9.59
N LEU A 72 -16.72 -13.17 -9.52
CA LEU A 72 -15.80 -12.91 -8.43
C LEU A 72 -14.36 -12.85 -8.92
N GLY A 73 -13.64 -11.79 -8.56
CA GLY A 73 -12.22 -11.70 -8.83
C GLY A 73 -11.41 -12.09 -7.61
N THR A 74 -10.16 -12.46 -7.83
CA THR A 74 -9.32 -13.04 -6.79
C THR A 74 -7.99 -12.30 -6.70
N ALA A 75 -7.54 -12.07 -5.47
CA ALA A 75 -6.23 -11.48 -5.21
C ALA A 75 -5.42 -12.42 -4.32
N LEU A 76 -4.13 -12.53 -4.60
CA LEU A 76 -3.21 -13.38 -3.85
C LEU A 76 -2.15 -12.51 -3.19
N ALA A 77 -1.89 -12.76 -1.90
CA ALA A 77 -0.99 -11.90 -1.14
C ALA A 77 -0.06 -12.74 -0.27
N VAL A 78 1.16 -12.22 -0.10
CA VAL A 78 2.13 -12.84 0.78
C VAL A 78 1.72 -12.65 2.23
N SER A 79 2.09 -13.61 3.09
CA SER A 79 1.81 -13.51 4.51
C SER A 79 2.44 -12.24 5.10
N GLY A 80 1.87 -11.79 6.21
CA GLY A 80 2.38 -10.66 6.93
C GLY A 80 2.15 -9.34 6.21
N PRO A 81 3.24 -8.67 5.82
CA PRO A 81 3.11 -7.36 5.18
C PRO A 81 2.43 -7.41 3.82
N GLY A 82 2.45 -8.56 3.14
CA GLY A 82 1.78 -8.66 1.86
C GLY A 82 0.28 -8.49 1.97
N VAL A 83 -0.34 -9.21 2.89
CA VAL A 83 -1.79 -9.10 3.07
C VAL A 83 -2.15 -7.74 3.63
N LEU A 84 -1.36 -7.23 4.57
CA LEU A 84 -1.67 -5.96 5.21
C LEU A 84 -1.47 -4.76 4.29
N ASN A 85 -0.78 -4.93 3.16
CA ASN A 85 -0.65 -3.86 2.19
C ASN A 85 -1.92 -3.66 1.36
N ALA A 86 -2.92 -4.52 1.51
CA ALA A 86 -4.15 -4.43 0.73
C ALA A 86 -5.36 -4.12 1.59
N VAL A 87 -5.15 -3.60 2.81
CA VAL A 87 -6.28 -3.31 3.69
C VAL A 87 -7.13 -2.18 3.13
N ALA A 88 -6.49 -1.18 2.52
CA ALA A 88 -7.24 -0.06 1.95
C ALA A 88 -8.05 -0.51 0.75
N ALA A 89 -7.43 -1.26 -0.16
CA ALA A 89 -8.17 -1.79 -1.31
C ALA A 89 -9.24 -2.77 -0.86
N PHE A 90 -9.00 -3.48 0.25
CA PHE A 90 -10.03 -4.37 0.80
C PHE A 90 -11.21 -3.57 1.33
N ALA A 91 -10.94 -2.45 1.99
CA ALA A 91 -12.02 -1.61 2.51
C ALA A 91 -12.77 -0.90 1.39
N ASN A 92 -12.08 -0.59 0.29
CA ASN A 92 -12.75 0.06 -0.84
C ASN A 92 -13.82 -0.85 -1.43
N ALA A 93 -13.55 -2.16 -1.50
CA ALA A 93 -14.56 -3.10 -1.96
C ALA A 93 -15.74 -3.17 -1.01
N TRP A 94 -15.52 -2.87 0.27
CA TRP A 94 -16.62 -2.80 1.22
C TRP A 94 -17.41 -1.51 1.08
N SER A 95 -16.71 -0.39 0.86
CA SER A 95 -17.39 0.89 0.71
C SER A 95 -18.29 0.92 -0.52
N ASN A 96 -17.90 0.23 -1.59
CA ASN A 96 -18.66 0.19 -2.83
C ASN A 96 -19.55 -1.04 -2.93
N ARG A 97 -19.62 -1.86 -1.88
CA ARG A 97 -20.41 -3.10 -1.88
C ARG A 97 -20.02 -4.00 -3.05
N TRP A 98 -18.71 -4.15 -3.24
CA TRP A 98 -18.18 -4.96 -4.33
C TRP A 98 -17.61 -6.26 -3.81
N PRO A 99 -17.95 -7.39 -4.41
CA PRO A 99 -17.41 -8.67 -3.94
C PRO A 99 -16.01 -8.92 -4.49
N MET A 100 -15.25 -9.72 -3.74
CA MET A 100 -13.91 -10.15 -4.13
C MET A 100 -13.45 -11.19 -3.11
N ILE A 101 -12.27 -11.76 -3.36
CA ILE A 101 -11.67 -12.73 -2.46
C ILE A 101 -10.18 -12.41 -2.35
N LEU A 102 -9.71 -12.17 -1.13
CA LEU A 102 -8.30 -11.95 -0.84
C LEU A 102 -7.73 -13.22 -0.23
N ILE A 103 -6.83 -13.87 -0.96
CA ILE A 103 -6.19 -15.11 -0.51
C ILE A 103 -4.78 -14.75 -0.06
N GLY A 104 -4.49 -15.04 1.20
CA GLY A 104 -3.21 -14.67 1.78
C GLY A 104 -2.66 -15.81 2.61
N GLY A 105 -1.36 -16.01 2.51
CA GLY A 105 -0.69 -16.98 3.35
C GLY A 105 -0.54 -16.48 4.77
N SER A 106 -0.02 -17.35 5.62
CA SER A 106 0.19 -17.01 7.02
C SER A 106 1.23 -17.97 7.59
N TYR A 107 1.55 -17.78 8.87
CA TYR A 107 2.51 -18.63 9.55
C TYR A 107 2.03 -20.07 9.54
N GLU A 108 2.99 -21.00 9.49
CA GLU A 108 2.66 -22.41 9.54
C GLU A 108 2.09 -22.77 10.90
N GLN A 109 1.21 -23.76 10.92
CA GLN A 109 0.59 -24.18 12.17
C GLN A 109 1.63 -24.76 13.13
N THR A 110 2.64 -25.46 12.59
CA THR A 110 3.69 -26.02 13.42
C THR A 110 4.67 -24.97 13.92
N GLY A 111 4.54 -23.71 13.47
CA GLY A 111 5.44 -22.67 13.91
C GLY A 111 4.75 -21.54 14.64
N HIS A 112 3.52 -21.80 15.08
CA HIS A 112 2.76 -20.79 15.82
C HIS A 112 3.44 -20.46 17.13
N LEU A 113 3.47 -19.17 17.47
CA LEU A 113 4.05 -18.67 18.72
C LEU A 113 5.55 -18.96 18.82
N MET A 114 6.22 -19.07 17.67
CA MET A 114 7.66 -19.27 17.64
C MET A 114 8.43 -18.07 17.10
N GLY A 115 7.74 -17.03 16.62
CA GLY A 115 8.41 -15.99 15.88
C GLY A 115 8.64 -16.35 14.44
N PHE A 116 7.68 -17.06 13.82
CA PHE A 116 7.82 -17.52 12.45
C PHE A 116 7.92 -16.32 11.50
N PHE A 117 8.42 -16.60 10.30
CA PHE A 117 8.59 -15.55 9.29
C PHE A 117 7.24 -14.96 8.92
N GLN A 118 7.10 -13.65 9.14
CA GLN A 118 5.88 -12.91 8.82
C GLN A 118 4.68 -13.43 9.62
N GLU A 119 4.94 -13.98 10.81
CA GLU A 119 3.86 -14.39 11.70
C GLU A 119 3.21 -13.16 12.32
N ALA A 120 1.90 -13.02 12.11
CA ALA A 120 1.19 -11.86 12.62
C ALA A 120 -0.30 -12.16 12.67
N ASP A 121 -1.03 -11.33 13.41
CA ASP A 121 -2.48 -11.39 13.48
C ASP A 121 -3.02 -10.50 12.38
N GLN A 122 -3.28 -11.09 11.22
CA GLN A 122 -3.82 -10.36 10.08
C GLN A 122 -5.31 -10.58 9.88
N LEU A 123 -5.93 -11.51 10.62
CA LEU A 123 -7.37 -11.68 10.53
C LEU A 123 -8.10 -10.47 11.09
N SER A 124 -7.60 -9.90 12.19
CA SER A 124 -8.28 -8.79 12.84
C SER A 124 -8.26 -7.51 12.02
N ALA A 125 -7.28 -7.36 11.12
CA ALA A 125 -7.18 -6.14 10.33
C ALA A 125 -8.17 -6.10 9.19
N LEU A 126 -8.58 -7.26 8.66
CA LEU A 126 -9.54 -7.32 7.56
C LEU A 126 -10.97 -7.53 8.03
N LYS A 127 -11.17 -7.95 9.28
CA LYS A 127 -12.52 -8.23 9.75
C LYS A 127 -13.45 -7.02 9.81
N PRO A 128 -12.99 -5.80 10.16
CA PRO A 128 -13.92 -4.66 10.19
C PRO A 128 -14.57 -4.35 8.84
N TYR A 129 -14.11 -4.95 7.74
CA TYR A 129 -14.67 -4.67 6.43
C TYR A 129 -15.10 -5.92 5.67
N ALA A 130 -14.84 -7.11 6.21
CA ALA A 130 -15.02 -8.34 5.45
C ALA A 130 -16.39 -8.96 5.70
N LYS A 131 -16.99 -9.47 4.62
CA LYS A 131 -18.13 -10.37 4.73
C LYS A 131 -17.72 -11.77 5.16
N TYR A 132 -16.43 -12.08 5.10
CA TYR A 132 -15.92 -13.42 5.39
C TYR A 132 -14.43 -13.28 5.66
N ALA A 133 -13.99 -13.67 6.85
CA ALA A 133 -12.56 -13.60 7.21
C ALA A 133 -12.26 -14.79 8.10
N GLU A 134 -11.78 -15.87 7.49
CA GLU A 134 -11.53 -17.12 8.18
C GLU A 134 -10.16 -17.66 7.83
N ARG A 135 -9.52 -18.29 8.81
CA ARG A 135 -8.25 -19.00 8.61
C ARG A 135 -8.53 -20.48 8.45
N VAL A 136 -7.97 -21.09 7.40
CA VAL A 136 -8.17 -22.51 7.16
C VAL A 136 -7.56 -23.30 8.30
N GLU A 137 -8.34 -24.24 8.84
CA GLU A 137 -7.90 -25.06 9.96
C GLU A 137 -7.59 -26.50 9.59
N ARG A 138 -8.18 -27.02 8.50
CA ARG A 138 -7.93 -28.38 8.06
C ARG A 138 -7.71 -28.41 6.55
N LEU A 139 -6.80 -29.28 6.11
CA LEU A 139 -6.44 -29.33 4.70
C LEU A 139 -7.56 -29.91 3.85
N GLU A 140 -8.23 -30.95 4.34
CA GLU A 140 -9.25 -31.64 3.55
C GLU A 140 -10.52 -30.82 3.39
N ARG A 141 -10.62 -29.67 4.03
CA ARG A 141 -11.82 -28.84 3.98
C ARG A 141 -11.60 -27.53 3.23
N ILE A 142 -10.54 -27.44 2.44
CA ILE A 142 -10.27 -26.21 1.69
C ILE A 142 -11.42 -25.82 0.77
N PRO A 143 -12.03 -26.73 -0.01
CA PRO A 143 -13.15 -26.28 -0.86
C PRO A 143 -14.32 -25.72 -0.07
N ILE A 144 -14.51 -26.15 1.18
CA ILE A 144 -15.56 -25.59 2.01
C ILE A 144 -15.25 -24.13 2.34
N TYR A 145 -14.01 -23.84 2.71
CA TYR A 145 -13.61 -22.45 2.97
C TYR A 145 -13.79 -21.60 1.73
N VAL A 146 -13.45 -22.14 0.55
CA VAL A 146 -13.58 -21.37 -0.69
C VAL A 146 -15.05 -21.17 -1.03
N ALA A 147 -15.86 -22.22 -0.91
CA ALA A 147 -17.28 -22.09 -1.22
C ALA A 147 -17.95 -21.10 -0.26
N GLU A 148 -17.56 -21.12 1.01
CA GLU A 148 -18.13 -20.16 1.95
C GLU A 148 -17.62 -18.75 1.69
N ALA A 149 -16.39 -18.61 1.21
CA ALA A 149 -15.88 -17.29 0.85
C ALA A 149 -16.63 -16.71 -0.34
N VAL A 150 -16.87 -17.53 -1.36
CA VAL A 150 -17.63 -17.07 -2.52
C VAL A 150 -19.06 -16.75 -2.11
N LYS A 151 -19.62 -17.51 -1.18
CA LYS A 151 -21.02 -17.35 -0.81
C LYS A 151 -21.25 -16.04 -0.06
N LYS A 152 -20.45 -15.78 0.96
CA LYS A 152 -20.64 -14.56 1.75
C LYS A 152 -20.27 -13.30 0.97
N ALA A 153 -19.43 -13.43 -0.07
CA ALA A 153 -19.01 -12.25 -0.82
C ALA A 153 -20.04 -11.85 -1.86
N LEU A 154 -20.68 -12.83 -2.52
CA LEU A 154 -21.62 -12.54 -3.59
C LEU A 154 -23.05 -12.34 -3.09
N HIS A 155 -23.49 -13.10 -2.10
CA HIS A 155 -24.87 -13.09 -1.67
C HIS A 155 -25.09 -12.04 -0.57
N GLY A 156 -26.36 -11.70 -0.38
CA GLY A 156 -26.68 -10.59 0.50
C GLY A 156 -26.14 -9.29 -0.07
N VAL A 157 -25.73 -8.40 0.82
CA VAL A 157 -25.03 -7.19 0.42
C VAL A 157 -23.60 -7.59 0.06
N PRO A 158 -23.19 -7.43 -1.20
CA PRO A 158 -21.85 -7.89 -1.60
C PRO A 158 -20.74 -7.14 -0.88
N GLY A 159 -19.60 -7.79 -0.77
CA GLY A 159 -18.45 -7.24 -0.10
C GLY A 159 -17.24 -8.13 -0.20
N PRO A 160 -16.10 -7.65 0.31
CA PRO A 160 -14.86 -8.41 0.18
C PRO A 160 -14.80 -9.57 1.16
N ALA A 161 -14.09 -10.62 0.75
CA ALA A 161 -13.85 -11.79 1.58
C ALA A 161 -12.35 -12.06 1.66
N TYR A 162 -11.90 -12.50 2.83
CA TYR A 162 -10.49 -12.79 3.07
C TYR A 162 -10.35 -14.21 3.56
N LEU A 163 -9.50 -14.99 2.90
CA LEU A 163 -9.27 -16.40 3.23
C LEU A 163 -7.79 -16.57 3.57
N GLU A 164 -7.50 -16.74 4.85
CA GLU A 164 -6.12 -16.93 5.31
C GLU A 164 -5.76 -18.42 5.26
N LEU A 165 -4.55 -18.71 4.82
CA LEU A 165 -4.08 -20.08 4.65
C LEU A 165 -2.75 -20.25 5.38
N PRO A 166 -2.63 -21.19 6.31
CA PRO A 166 -1.34 -21.44 6.95
C PRO A 166 -0.32 -21.93 5.93
N GLY A 167 0.95 -21.60 6.18
CA GLY A 167 2.00 -21.95 5.23
C GLY A 167 2.16 -23.44 5.06
N ASP A 168 2.03 -24.21 6.14
CA ASP A 168 2.26 -25.65 6.05
C ASP A 168 1.10 -26.37 5.37
N ILE A 169 -0.11 -25.80 5.42
CA ILE A 169 -1.25 -26.43 4.76
C ILE A 169 -1.16 -26.23 3.25
N ILE A 170 -0.57 -25.12 2.80
CA ILE A 170 -0.47 -24.85 1.37
C ILE A 170 0.36 -25.92 0.67
N THR A 171 1.46 -26.33 1.28
CA THR A 171 2.36 -27.31 0.68
C THR A 171 2.07 -28.74 1.09
N ALA A 172 1.20 -28.95 2.07
CA ALA A 172 0.92 -30.31 2.54
C ALA A 172 0.12 -31.08 1.50
N LYS A 173 0.46 -32.36 1.34
CA LYS A 173 -0.21 -33.23 0.40
C LYS A 173 -1.15 -34.20 1.12
N ILE A 174 -2.13 -34.69 0.38
CA ILE A 174 -3.15 -35.58 0.93
C ILE A 174 -3.74 -36.39 -0.22
N ASP A 175 -4.23 -37.57 0.10
CA ASP A 175 -4.94 -38.37 -0.89
C ASP A 175 -6.14 -37.60 -1.43
N GLU A 176 -6.35 -37.69 -2.75
CA GLU A 176 -7.39 -36.87 -3.38
C GLU A 176 -8.78 -37.30 -2.94
N SER A 177 -8.99 -38.60 -2.74
CA SER A 177 -10.30 -39.09 -2.33
C SER A 177 -10.69 -38.58 -0.94
N LYS A 178 -9.73 -38.15 -0.13
CA LYS A 178 -10.00 -37.61 1.19
C LYS A 178 -10.30 -36.11 1.18
N VAL A 179 -10.25 -35.47 0.01
CA VAL A 179 -10.54 -34.05 -0.11
C VAL A 179 -12.03 -33.86 -0.27
N GLU A 180 -12.63 -33.00 0.56
CA GLU A 180 -14.06 -32.75 0.55
C GLU A 180 -14.35 -31.57 -0.37
N TRP A 181 -14.67 -31.88 -1.63
CA TRP A 181 -14.96 -30.84 -2.60
C TRP A 181 -16.39 -30.32 -2.40
N ALA A 182 -16.59 -29.07 -2.85
CA ALA A 182 -17.88 -28.40 -2.71
C ALA A 182 -18.42 -28.00 -4.07
N PRO A 183 -19.74 -28.05 -4.26
CA PRO A 183 -20.33 -27.63 -5.54
C PRO A 183 -20.23 -26.12 -5.73
N ARG A 184 -20.50 -25.70 -6.97
CA ARG A 184 -20.40 -24.30 -7.33
C ARG A 184 -21.46 -23.48 -6.59
N VAL A 185 -21.03 -22.41 -5.94
CA VAL A 185 -21.97 -21.49 -5.27
C VAL A 185 -22.80 -20.78 -6.34
N PRO A 186 -24.12 -20.81 -6.26
CA PRO A 186 -24.94 -20.19 -7.29
C PRO A 186 -24.76 -18.68 -7.34
N ASP A 187 -25.15 -18.10 -8.47
CA ASP A 187 -25.13 -16.67 -8.63
C ASP A 187 -26.21 -16.04 -7.74
N PRO A 188 -26.06 -14.77 -7.39
CA PRO A 188 -27.03 -14.13 -6.50
C PRO A 188 -28.44 -14.18 -7.06
N LYS A 189 -29.39 -14.49 -6.20
CA LYS A 189 -30.80 -14.54 -6.56
C LYS A 189 -31.43 -13.16 -6.43
N ARG A 190 -32.46 -12.92 -7.22
CA ARG A 190 -33.14 -11.63 -7.25
C ARG A 190 -34.46 -11.72 -6.48
N THR A 191 -34.77 -10.66 -5.75
CA THR A 191 -36.00 -10.57 -4.98
C THR A 191 -36.90 -9.46 -5.53
N LEU A 192 -38.19 -9.73 -5.56
CA LEU A 192 -39.17 -8.71 -5.92
C LEU A 192 -39.50 -7.87 -4.69
N SER A 193 -39.79 -6.60 -4.93
CA SER A 193 -40.19 -5.72 -3.83
C SER A 193 -41.63 -6.00 -3.43
N ASP A 194 -42.02 -5.46 -2.28
CA ASP A 194 -43.39 -5.59 -1.80
C ASP A 194 -44.32 -4.89 -2.77
N PRO A 195 -45.28 -5.59 -3.38
CA PRO A 195 -46.20 -4.93 -4.33
C PRO A 195 -46.95 -3.76 -3.72
N ALA A 196 -47.18 -3.78 -2.40
CA ALA A 196 -47.80 -2.64 -1.74
C ALA A 196 -46.89 -1.41 -1.79
N ASP A 197 -45.58 -1.63 -1.68
CA ASP A 197 -44.63 -0.52 -1.79
C ASP A 197 -44.45 -0.08 -3.23
N VAL A 198 -44.55 -1.01 -4.19
CA VAL A 198 -44.43 -0.65 -5.59
C VAL A 198 -45.62 0.20 -6.02
N GLU A 199 -46.83 -0.19 -5.60
CA GLU A 199 -48.01 0.60 -5.91
C GLU A 199 -47.97 1.97 -5.25
N ALA A 200 -47.37 2.07 -4.06
CA ALA A 200 -47.26 3.36 -3.38
C ALA A 200 -46.19 4.24 -4.01
N ALA A 201 -45.14 3.63 -4.58
CA ALA A 201 -44.10 4.41 -5.24
C ALA A 201 -44.64 5.09 -6.49
N ILE A 202 -45.36 4.34 -7.33
CA ILE A 202 -45.98 4.93 -8.50
C ILE A 202 -47.05 5.94 -8.10
N ALA A 203 -47.74 5.70 -6.98
CA ALA A 203 -48.74 6.64 -6.51
C ALA A 203 -48.12 7.96 -6.08
N ALA A 204 -46.94 7.90 -5.45
CA ALA A 204 -46.26 9.12 -5.03
C ALA A 204 -45.69 9.90 -6.21
N LEU A 205 -45.23 9.19 -7.26
CA LEU A 205 -44.70 9.87 -8.43
C LEU A 205 -45.77 10.65 -9.17
N LYS A 206 -47.01 10.14 -9.19
CA LYS A 206 -48.09 10.84 -9.87
C LYS A 206 -48.42 12.16 -9.19
N THR A 207 -48.18 12.26 -7.88
CA THR A 207 -48.43 13.47 -7.13
C THR A 207 -47.23 14.42 -7.10
N ALA A 208 -46.12 14.04 -7.73
CA ALA A 208 -44.92 14.86 -7.71
C ALA A 208 -45.06 16.01 -8.69
N GLN A 209 -44.75 17.22 -8.22
CA GLN A 209 -44.78 18.42 -9.07
C GLN A 209 -43.48 18.60 -9.84
N GLN A 210 -42.33 18.40 -9.20
CA GLN A 210 -41.02 18.57 -9.81
C GLN A 210 -40.15 17.35 -9.48
N PRO A 211 -40.42 16.21 -10.09
CA PRO A 211 -39.71 14.98 -9.73
C PRO A 211 -38.33 14.90 -10.39
N LEU A 212 -37.55 13.94 -9.91
CA LEU A 212 -36.21 13.69 -10.43
C LEU A 212 -35.80 12.27 -10.10
N ILE A 213 -35.36 11.52 -11.10
CA ILE A 213 -34.86 10.17 -10.91
C ILE A 213 -33.36 10.23 -10.75
N ILE A 214 -32.83 9.43 -9.83
CA ILE A 214 -31.39 9.33 -9.61
C ILE A 214 -31.00 7.87 -9.76
N VAL A 215 -30.07 7.60 -10.68
CA VAL A 215 -29.62 6.26 -10.99
C VAL A 215 -28.22 6.08 -10.43
N GLY A 216 -28.04 5.09 -9.56
CA GLY A 216 -26.77 4.80 -8.96
C GLY A 216 -26.14 3.53 -9.53
N LYS A 217 -24.94 3.24 -9.02
CA LYS A 217 -24.20 2.07 -9.48
C LYS A 217 -24.86 0.76 -9.08
N GLY A 218 -25.85 0.79 -8.18
CA GLY A 218 -26.59 -0.42 -7.87
C GLY A 218 -27.38 -0.94 -9.05
N VAL A 219 -27.90 -0.04 -9.90
CA VAL A 219 -28.54 -0.44 -11.14
C VAL A 219 -27.54 -1.11 -12.07
N ALA A 220 -26.29 -0.66 -12.06
CA ALA A 220 -25.27 -1.30 -12.87
C ALA A 220 -24.97 -2.71 -12.37
N ALA A 221 -24.84 -2.88 -11.05
CA ALA A 221 -24.60 -4.20 -10.50
C ALA A 221 -25.78 -5.14 -10.74
N SER A 222 -26.99 -4.61 -10.73
CA SER A 222 -28.18 -5.41 -11.00
C SER A 222 -28.36 -5.75 -12.47
N ARG A 223 -27.53 -5.18 -13.36
CA ARG A 223 -27.67 -5.36 -14.81
C ARG A 223 -29.06 -4.93 -15.29
N ALA A 224 -29.55 -3.82 -14.74
CA ALA A 224 -30.87 -3.30 -15.04
C ALA A 224 -30.81 -2.10 -15.97
N GLU A 225 -29.88 -2.10 -16.93
CA GLU A 225 -29.75 -0.96 -17.83
C GLU A 225 -30.97 -0.84 -18.75
N VAL A 226 -31.54 -1.97 -19.16
CA VAL A 226 -32.72 -1.92 -20.04
C VAL A 226 -33.93 -1.41 -19.26
N GLU A 227 -34.08 -1.83 -18.01
CA GLU A 227 -35.27 -1.50 -17.23
C GLU A 227 -35.23 -0.05 -16.75
N ILE A 228 -34.06 0.46 -16.37
CA ILE A 228 -33.98 1.82 -15.88
C ILE A 228 -34.23 2.81 -17.03
N ARG A 229 -33.81 2.46 -18.25
CA ARG A 229 -34.10 3.32 -19.39
C ARG A 229 -35.58 3.26 -19.73
N ALA A 230 -36.18 2.07 -19.68
CA ALA A 230 -37.60 1.94 -19.95
C ALA A 230 -38.44 2.71 -18.93
N PHE A 231 -37.97 2.77 -17.68
CA PHE A 231 -38.70 3.52 -16.66
C PHE A 231 -38.53 5.02 -16.85
N VAL A 232 -37.29 5.48 -17.08
CA VAL A 232 -37.05 6.90 -17.26
C VAL A 232 -37.79 7.43 -18.49
N GLU A 233 -37.83 6.63 -19.56
CA GLU A 233 -38.48 7.08 -20.78
C GLU A 233 -40.01 6.99 -20.67
N LYS A 234 -40.53 5.93 -20.04
CA LYS A 234 -41.98 5.79 -19.94
C LYS A 234 -42.59 6.74 -18.91
N THR A 235 -41.79 7.27 -18.00
CA THR A 235 -42.25 8.28 -17.06
C THR A 235 -41.98 9.71 -17.50
N GLY A 236 -41.01 9.91 -18.40
CA GLY A 236 -40.69 11.26 -18.85
C GLY A 236 -40.06 12.14 -17.80
N ILE A 237 -39.52 11.56 -16.73
CA ILE A 237 -38.93 12.32 -15.64
C ILE A 237 -37.45 12.54 -15.93
N PRO A 238 -36.93 13.74 -15.73
CA PRO A 238 -35.48 13.95 -15.87
C PRO A 238 -34.72 13.10 -14.87
N TYR A 239 -33.67 12.43 -15.36
CA TYR A 239 -32.87 11.56 -14.51
C TYR A 239 -31.49 12.16 -14.28
N LEU A 240 -30.81 11.65 -13.26
CA LEU A 240 -29.47 12.10 -12.89
C LEU A 240 -28.63 10.87 -12.59
N ALA A 241 -27.61 10.63 -13.41
CA ALA A 241 -26.77 9.44 -13.27
C ALA A 241 -25.57 9.73 -12.37
N MET A 242 -25.30 8.80 -11.46
CA MET A 242 -24.13 8.91 -10.60
C MET A 242 -22.86 8.67 -11.41
N PRO A 243 -21.69 9.03 -10.87
CA PRO A 243 -20.44 8.92 -11.66
C PRO A 243 -20.25 7.58 -12.36
N MET A 244 -20.37 6.46 -11.64
CA MET A 244 -20.21 5.16 -12.26
C MET A 244 -21.50 4.61 -12.85
N ALA A 245 -22.61 5.37 -12.75
CA ALA A 245 -23.84 5.02 -13.44
C ALA A 245 -23.90 5.59 -14.85
N LYS A 246 -22.93 6.42 -15.23
CA LYS A 246 -22.85 6.93 -16.59
C LYS A 246 -22.62 5.79 -17.56
N GLY A 247 -23.53 5.63 -18.52
CA GLY A 247 -23.44 4.59 -19.54
C GLY A 247 -24.62 3.64 -19.52
N LEU A 248 -25.18 3.37 -18.35
CA LEU A 248 -26.40 2.55 -18.27
C LEU A 248 -27.48 3.12 -19.18
N ILE A 249 -27.73 4.41 -19.05
CA ILE A 249 -28.46 5.19 -20.05
C ILE A 249 -27.44 6.09 -20.75
N PRO A 250 -27.41 6.12 -22.08
CA PRO A 250 -26.42 6.95 -22.78
C PRO A 250 -26.46 8.40 -22.31
N ASP A 251 -25.27 8.93 -21.99
CA ASP A 251 -25.16 10.25 -21.39
C ASP A 251 -25.71 11.37 -22.27
N ASP A 252 -25.94 11.12 -23.56
CA ASP A 252 -26.56 12.09 -24.44
C ASP A 252 -28.07 11.95 -24.51
N HIS A 253 -28.67 11.28 -23.53
CA HIS A 253 -30.12 11.11 -23.52
C HIS A 253 -30.81 12.45 -23.33
N ASP A 254 -32.02 12.56 -23.91
CA ASP A 254 -32.76 13.81 -23.87
C ASP A 254 -33.22 14.18 -22.45
N GLN A 255 -33.36 13.20 -21.56
CA GLN A 255 -33.84 13.44 -20.21
C GLN A 255 -32.72 13.47 -19.17
N SER A 256 -31.48 13.60 -19.61
CA SER A 256 -30.35 13.62 -18.68
C SER A 256 -30.21 15.01 -18.08
N ALA A 257 -30.29 15.10 -16.75
CA ALA A 257 -30.11 16.34 -16.03
C ALA A 257 -28.70 16.50 -15.49
N ALA A 258 -27.72 15.82 -16.08
CA ALA A 258 -26.36 15.89 -15.58
C ALA A 258 -25.79 17.31 -15.69
N ALA A 259 -26.24 18.08 -16.68
CA ALA A 259 -25.76 19.45 -16.83
C ALA A 259 -26.44 20.40 -15.86
N ALA A 260 -27.54 19.99 -15.24
CA ALA A 260 -28.26 20.81 -14.27
C ALA A 260 -28.32 20.11 -12.92
N ARG A 261 -27.20 19.50 -12.52
CA ARG A 261 -27.19 18.69 -11.29
C ARG A 261 -27.52 19.53 -10.07
N SER A 262 -26.81 20.64 -9.88
CA SER A 262 -27.07 21.50 -8.73
C SER A 262 -28.47 22.10 -8.77
N PHE A 263 -29.07 22.23 -9.96
CA PHE A 263 -30.40 22.79 -10.06
C PHE A 263 -31.48 21.76 -9.73
N VAL A 264 -31.34 20.55 -10.28
CA VAL A 264 -32.37 19.54 -10.06
C VAL A 264 -32.34 19.03 -8.63
N LEU A 265 -31.18 19.06 -7.98
CA LEU A 265 -31.09 18.60 -6.60
C LEU A 265 -31.66 19.61 -5.62
N GLN A 266 -31.72 20.89 -5.99
CA GLN A 266 -32.24 21.92 -5.09
C GLN A 266 -33.75 22.13 -5.23
N ASN A 267 -34.30 21.91 -6.42
CA ASN A 267 -35.70 22.24 -6.69
C ASN A 267 -36.60 21.01 -6.73
N ALA A 268 -36.05 19.81 -6.64
CA ALA A 268 -36.88 18.61 -6.70
C ALA A 268 -37.71 18.47 -5.44
N ASP A 269 -39.03 18.34 -5.62
CA ASP A 269 -39.91 18.05 -4.50
C ASP A 269 -39.98 16.57 -4.18
N LEU A 270 -39.67 15.71 -5.15
CA LEU A 270 -39.63 14.27 -4.95
C LEU A 270 -38.45 13.71 -5.74
N ILE A 271 -37.78 12.71 -5.16
CA ILE A 271 -36.62 12.09 -5.78
C ILE A 271 -36.80 10.58 -5.73
N PHE A 272 -36.62 9.93 -6.88
CA PHE A 272 -36.61 8.47 -6.96
C PHE A 272 -35.16 8.01 -6.92
N LEU A 273 -34.73 7.53 -5.77
CA LEU A 273 -33.35 7.10 -5.54
C LEU A 273 -33.25 5.62 -5.91
N VAL A 274 -32.78 5.34 -7.12
CA VAL A 274 -32.70 3.98 -7.64
C VAL A 274 -31.25 3.52 -7.56
N GLY A 275 -30.98 2.59 -6.65
CA GLY A 275 -29.65 2.00 -6.55
C GLY A 275 -28.55 2.94 -6.11
N ALA A 276 -28.89 4.03 -5.42
CA ALA A 276 -27.91 4.98 -4.95
C ALA A 276 -28.14 5.26 -3.47
N ARG A 277 -27.11 5.81 -2.83
CA ARG A 277 -27.13 6.12 -1.40
C ARG A 277 -27.04 7.63 -1.20
N LEU A 278 -27.72 8.12 -0.16
CA LEU A 278 -27.66 9.53 0.21
C LEU A 278 -26.45 9.77 1.10
N ASN A 279 -25.28 9.64 0.51
CA ASN A 279 -24.02 9.78 1.20
C ASN A 279 -23.38 11.12 0.84
N TRP A 280 -22.05 11.20 0.94
CA TRP A 280 -21.36 12.44 0.63
C TRP A 280 -21.51 12.83 -0.83
N MET A 281 -21.63 11.83 -1.72
CA MET A 281 -21.75 12.11 -3.14
C MET A 281 -23.01 12.90 -3.46
N LEU A 282 -24.11 12.59 -2.79
CA LEU A 282 -25.38 13.29 -2.98
C LEU A 282 -25.65 14.30 -1.88
N HIS A 283 -24.60 14.80 -1.21
CA HIS A 283 -24.73 15.84 -0.19
C HIS A 283 -25.71 15.46 0.92
N PHE A 284 -25.83 14.16 1.20
CA PHE A 284 -26.70 13.60 2.22
C PHE A 284 -28.18 13.95 2.02
N GLY A 285 -28.55 14.47 0.85
CA GLY A 285 -29.92 14.87 0.60
C GLY A 285 -30.42 16.01 1.45
N LEU A 286 -29.52 16.74 2.09
CA LEU A 286 -29.87 17.79 3.03
C LEU A 286 -29.58 19.17 2.46
N PRO A 287 -30.24 20.21 2.99
CA PRO A 287 -29.92 21.58 2.58
C PRO A 287 -28.47 21.92 2.89
N PRO A 288 -27.90 22.92 2.21
CA PRO A 288 -28.50 23.82 1.21
C PRO A 288 -28.61 23.18 -0.17
N ARG A 289 -27.99 22.02 -0.37
CA ARG A 289 -27.98 21.40 -1.69
C ARG A 289 -29.34 20.84 -2.09
N PHE A 290 -30.27 20.68 -1.13
CA PHE A 290 -31.53 20.02 -1.39
C PHE A 290 -32.68 20.82 -0.81
N ARG A 291 -33.88 20.51 -1.29
CA ARG A 291 -35.08 21.11 -0.74
C ARG A 291 -35.29 20.60 0.68
N PRO A 292 -35.63 21.46 1.64
CA PRO A 292 -35.78 20.99 3.03
C PRO A 292 -36.87 19.94 3.20
N ASP A 293 -37.97 20.04 2.45
CA ASP A 293 -39.08 19.11 2.55
C ASP A 293 -39.14 18.18 1.34
N VAL A 294 -37.99 17.70 0.89
CA VAL A 294 -37.96 16.85 -0.29
C VAL A 294 -38.46 15.45 0.06
N ARG A 295 -39.31 14.91 -0.81
CA ARG A 295 -39.81 13.56 -0.63
C ARG A 295 -38.90 12.56 -1.33
N VAL A 296 -38.79 11.37 -0.75
CA VAL A 296 -37.83 10.37 -1.20
C VAL A 296 -38.54 9.05 -1.45
N VAL A 297 -38.39 8.51 -2.65
CA VAL A 297 -38.76 7.13 -2.98
C VAL A 297 -37.45 6.38 -3.21
N GLN A 298 -37.26 5.30 -2.47
CA GLN A 298 -35.96 4.63 -2.41
C GLN A 298 -36.08 3.20 -2.92
N LEU A 299 -35.10 2.78 -3.72
CA LEU A 299 -34.99 1.41 -4.22
C LEU A 299 -33.57 0.93 -3.92
N ASP A 300 -33.41 0.15 -2.85
CA ASP A 300 -32.10 -0.31 -2.42
C ASP A 300 -32.28 -1.62 -1.69
N PHE A 301 -31.69 -2.70 -2.20
CA PHE A 301 -31.96 -4.02 -1.62
C PHE A 301 -31.25 -4.23 -0.28
N ASN A 302 -30.57 -3.21 0.24
CA ASN A 302 -30.05 -3.26 1.60
C ASN A 302 -31.06 -2.55 2.50
N PRO A 303 -31.84 -3.27 3.31
CA PRO A 303 -32.88 -2.61 4.12
C PRO A 303 -32.32 -1.64 5.15
N GLU A 304 -31.04 -1.74 5.48
CA GLU A 304 -30.44 -0.85 6.47
C GLU A 304 -30.11 0.53 5.90
N GLU A 305 -30.25 0.72 4.60
CA GLU A 305 -29.96 2.01 3.97
C GLU A 305 -31.18 2.92 3.86
N ILE A 306 -32.38 2.42 4.19
CA ILE A 306 -33.58 3.22 3.99
C ILE A 306 -33.65 4.34 5.03
N GLY A 307 -34.14 5.49 4.59
CA GLY A 307 -34.37 6.60 5.49
C GLY A 307 -33.13 7.22 6.10
N ILE A 308 -31.95 6.95 5.55
CA ILE A 308 -30.73 7.54 6.07
C ILE A 308 -30.66 9.01 5.70
N ASN A 309 -30.35 9.86 6.69
CA ASN A 309 -30.21 11.30 6.53
C ASN A 309 -31.54 11.97 6.20
N VAL A 310 -32.28 11.46 5.22
CA VAL A 310 -33.57 11.99 4.82
C VAL A 310 -34.59 10.86 4.93
N PRO A 311 -35.75 11.09 5.55
CA PRO A 311 -36.75 10.03 5.65
C PRO A 311 -37.23 9.59 4.28
N THR A 312 -37.50 8.29 4.15
CA THR A 312 -37.98 7.70 2.91
C THR A 312 -39.50 7.56 2.97
N GLU A 313 -40.19 8.20 2.03
CA GLU A 313 -41.65 8.11 1.98
C GLU A 313 -42.10 6.71 1.57
N VAL A 314 -41.52 6.19 0.49
CA VAL A 314 -41.84 4.86 -0.01
C VAL A 314 -40.52 4.13 -0.24
N GLY A 315 -40.27 3.09 0.55
CA GLY A 315 -39.06 2.30 0.42
C GLY A 315 -39.35 0.97 -0.25
N MET A 316 -38.50 0.60 -1.20
CA MET A 316 -38.64 -0.65 -1.95
C MET A 316 -37.31 -1.38 -1.90
N ILE A 317 -37.19 -2.31 -0.96
CA ILE A 317 -36.03 -3.19 -0.95
C ILE A 317 -36.25 -4.35 -1.92
N GLY A 318 -35.17 -5.02 -2.28
CA GLY A 318 -35.21 -6.05 -3.30
C GLY A 318 -34.44 -5.65 -4.54
N ASP A 319 -34.35 -6.60 -5.47
CA ASP A 319 -33.53 -6.41 -6.66
C ASP A 319 -34.06 -5.23 -7.48
N ALA A 320 -33.12 -4.42 -7.97
CA ALA A 320 -33.49 -3.24 -8.75
C ALA A 320 -34.12 -3.62 -10.08
N LYS A 321 -33.53 -4.60 -10.78
CA LYS A 321 -34.08 -5.02 -12.07
C LYS A 321 -35.48 -5.60 -11.92
N ALA A 322 -35.70 -6.41 -10.88
CA ALA A 322 -37.02 -6.98 -10.66
C ALA A 322 -38.02 -5.91 -10.25
N THR A 323 -37.62 -5.01 -9.36
CA THR A 323 -38.52 -3.96 -8.90
C THR A 323 -38.85 -2.98 -10.02
N LEU A 324 -37.86 -2.65 -10.85
CA LEU A 324 -38.13 -1.78 -12.00
C LEU A 324 -39.11 -2.43 -12.96
N SER A 325 -39.02 -3.75 -13.14
CA SER A 325 -40.00 -4.45 -13.96
C SER A 325 -41.37 -4.44 -13.30
N GLN A 326 -41.43 -4.44 -11.97
CA GLN A 326 -42.70 -4.31 -11.27
C GLN A 326 -43.28 -2.92 -11.47
N LEU A 327 -42.45 -1.88 -11.33
CA LEU A 327 -42.92 -0.52 -11.52
C LEU A 327 -43.40 -0.28 -12.95
N LEU A 328 -42.74 -0.91 -13.93
CA LEU A 328 -43.17 -0.75 -15.32
C LEU A 328 -44.55 -1.35 -15.55
N ASP A 329 -44.84 -2.49 -14.93
CA ASP A 329 -46.16 -3.09 -15.06
C ASP A 329 -47.24 -2.23 -14.44
N VAL A 330 -46.91 -1.51 -13.37
CA VAL A 330 -47.87 -0.58 -12.79
C VAL A 330 -48.07 0.62 -13.70
N LEU A 331 -47.00 1.07 -14.36
CA LEU A 331 -47.12 2.17 -15.32
C LEU A 331 -47.92 1.74 -16.55
N ASP A 332 -47.68 0.52 -17.03
CA ASP A 332 -48.41 0.04 -18.20
C ASP A 332 -49.89 -0.13 -17.91
N ARG A 333 -50.26 -0.37 -16.64
CA ARG A 333 -51.66 -0.49 -16.29
C ARG A 333 -52.38 0.84 -16.45
N ASP A 334 -51.73 1.94 -16.05
CA ASP A 334 -52.34 3.25 -16.14
C ASP A 334 -51.97 3.99 -17.41
N GLY A 335 -50.83 3.68 -18.02
CA GLY A 335 -50.34 4.49 -19.12
C GLY A 335 -49.95 5.88 -18.68
N TRP A 336 -49.54 6.04 -17.43
CA TRP A 336 -49.24 7.35 -16.87
C TRP A 336 -47.99 7.95 -17.50
N ARG A 337 -47.95 9.28 -17.53
CA ARG A 337 -46.80 10.00 -18.08
C ARG A 337 -46.74 11.38 -17.44
N PHE A 338 -45.58 11.73 -16.91
CA PHE A 338 -45.35 13.09 -16.44
C PHE A 338 -45.46 14.05 -17.62
N PRO A 339 -46.16 15.18 -17.47
CA PRO A 339 -46.39 16.08 -18.60
C PRO A 339 -45.09 16.51 -19.27
N ASP A 340 -45.01 16.30 -20.58
CA ASP A 340 -43.82 16.67 -21.33
C ASP A 340 -43.69 18.19 -21.43
N ASP A 341 -44.81 18.89 -21.60
CA ASP A 341 -44.83 20.34 -21.70
C ASP A 341 -44.61 21.04 -20.37
N SER A 342 -44.46 20.28 -19.27
CA SER A 342 -44.35 20.88 -17.95
C SER A 342 -43.18 21.83 -17.87
N GLU A 343 -43.36 22.93 -17.13
CA GLU A 343 -42.29 23.89 -16.94
C GLU A 343 -41.12 23.29 -16.18
N TRP A 344 -41.33 22.18 -15.48
CA TRP A 344 -40.22 21.52 -14.80
C TRP A 344 -39.22 20.97 -15.81
N VAL A 345 -39.71 20.22 -16.80
CA VAL A 345 -38.83 19.74 -17.87
C VAL A 345 -38.26 20.92 -18.65
N THR A 346 -39.04 21.99 -18.81
CA THR A 346 -38.57 23.15 -19.55
C THR A 346 -37.48 23.90 -18.78
N ALA A 347 -37.70 24.15 -17.49
CA ALA A 347 -36.71 24.85 -16.69
C ALA A 347 -35.44 24.02 -16.52
N VAL A 348 -35.57 22.69 -16.47
CA VAL A 348 -34.39 21.83 -16.38
C VAL A 348 -33.64 21.82 -17.71
N SER A 349 -34.38 21.81 -18.82
CA SER A 349 -33.73 21.86 -20.14
C SER A 349 -33.02 23.19 -20.35
N ALA A 350 -33.65 24.29 -19.96
CA ALA A 350 -33.02 25.60 -20.10
C ALA A 350 -31.77 25.71 -19.23
N GLU A 351 -31.83 25.17 -18.01
CA GLU A 351 -30.66 25.20 -17.13
C GLU A 351 -29.55 24.31 -17.66
N ALA A 352 -29.91 23.18 -18.27
CA ALA A 352 -28.90 22.24 -18.76
C ALA A 352 -28.18 22.78 -19.99
N ARG A 353 -28.93 23.37 -20.94
CA ARG A 353 -28.30 23.89 -22.14
C ARG A 353 -27.43 25.09 -21.82
N GLN A 354 -27.86 25.94 -20.89
CA GLN A 354 -27.04 27.08 -20.50
C GLN A 354 -25.74 26.63 -19.85
N ASN A 355 -25.81 25.67 -18.94
CA ASN A 355 -24.59 25.16 -18.32
C ASN A 355 -23.72 24.42 -19.32
N ALA A 356 -24.35 23.73 -20.28
CA ALA A 356 -23.58 23.01 -21.29
C ALA A 356 -22.82 23.98 -22.18
N GLU A 357 -23.40 25.14 -22.48
CA GLU A 357 -22.71 26.13 -23.30
C GLU A 357 -21.57 26.79 -22.53
N ALA A 358 -21.72 26.97 -21.22
CA ALA A 358 -20.60 27.47 -20.42
C ALA A 358 -19.46 26.48 -20.39
N VAL A 359 -19.76 25.17 -20.45
CA VAL A 359 -18.71 24.17 -20.56
C VAL A 359 -18.13 24.16 -21.98
N GLN A 360 -18.99 24.40 -22.98
CA GLN A 360 -18.52 24.45 -24.36
C GLN A 360 -17.53 25.57 -24.58
N ALA A 361 -17.65 26.67 -23.83
CA ALA A 361 -16.73 27.79 -23.99
C ALA A 361 -15.32 27.41 -23.57
N MET A 362 -15.17 26.73 -22.43
CA MET A 362 -13.85 26.32 -21.97
C MET A 362 -13.25 25.24 -22.86
N MET A 363 -14.09 24.35 -23.39
CA MET A 363 -13.58 23.25 -24.20
C MET A 363 -12.98 23.73 -25.52
N GLN A 364 -13.50 24.82 -26.07
CA GLN A 364 -12.94 25.39 -27.29
C GLN A 364 -11.76 26.31 -27.03
N GLU A 365 -11.41 26.56 -25.76
CA GLU A 365 -10.27 27.40 -25.44
C GLU A 365 -8.99 26.60 -25.62
N ASP A 366 -8.13 27.05 -26.54
CA ASP A 366 -6.87 26.39 -26.84
C ASP A 366 -5.73 27.08 -26.11
N THR A 367 -4.96 26.30 -25.35
CA THR A 367 -3.86 26.84 -24.56
C THR A 367 -2.65 25.92 -24.67
N GLN A 368 -1.51 26.46 -24.27
CA GLN A 368 -0.25 25.71 -24.20
C GLN A 368 0.57 26.25 -23.04
N PRO A 369 0.68 25.51 -21.92
CA PRO A 369 0.14 24.17 -21.63
C PRO A 369 -1.39 24.09 -21.66
N LEU A 370 -1.92 22.89 -21.87
CA LEU A 370 -3.35 22.70 -21.98
C LEU A 370 -4.06 22.95 -20.66
N GLY A 371 -5.37 23.14 -20.74
CA GLY A 371 -6.23 23.20 -19.58
C GLY A 371 -7.03 21.93 -19.40
N TYR A 372 -7.83 21.91 -18.33
CA TYR A 372 -8.65 20.74 -18.03
C TYR A 372 -9.66 20.49 -19.15
N TYR A 373 -10.41 21.53 -19.53
CA TYR A 373 -11.52 21.34 -20.45
C TYR A 373 -11.04 21.06 -21.87
N ARG A 374 -9.95 21.71 -22.30
CA ARG A 374 -9.44 21.46 -23.64
C ARG A 374 -8.83 20.07 -23.74
N ALA A 375 -8.08 19.65 -22.72
CA ALA A 375 -7.48 18.32 -22.76
C ALA A 375 -8.54 17.22 -22.65
N LEU A 376 -9.54 17.42 -21.80
CA LEU A 376 -10.60 16.42 -21.67
C LEU A 376 -11.50 16.39 -22.89
N ARG A 377 -11.59 17.50 -23.62
CA ARG A 377 -12.39 17.52 -24.84
C ARG A 377 -11.85 16.51 -25.86
N SER A 378 -10.52 16.46 -26.02
CA SER A 378 -9.92 15.52 -26.95
C SER A 378 -10.19 14.08 -26.54
N ILE A 379 -10.21 13.82 -25.23
CA ILE A 379 -10.51 12.47 -24.75
C ILE A 379 -11.97 12.12 -25.03
N ASP A 380 -12.88 13.06 -24.78
CA ASP A 380 -14.29 12.81 -25.07
C ASP A 380 -14.54 12.59 -26.55
N GLU A 381 -13.78 13.28 -27.41
CA GLU A 381 -13.97 13.12 -28.85
C GLU A 381 -13.44 11.79 -29.35
N ARG A 382 -12.39 11.25 -28.72
CA ARG A 382 -11.69 10.08 -29.24
C ARG A 382 -11.82 8.85 -28.34
N LEU A 383 -12.56 8.93 -27.24
CA LEU A 383 -12.77 7.75 -26.41
C LEU A 383 -13.65 6.76 -27.14
N PRO A 384 -13.20 5.52 -27.36
CA PRO A 384 -14.09 4.52 -27.95
C PRO A 384 -15.27 4.24 -27.04
N LYS A 385 -16.48 4.30 -27.61
CA LYS A 385 -17.68 4.11 -26.82
C LYS A 385 -17.80 2.71 -26.25
N ASP A 386 -17.05 1.75 -26.79
CA ASP A 386 -17.01 0.39 -26.25
C ASP A 386 -15.73 0.10 -25.48
N ALA A 387 -14.97 1.13 -25.13
CA ALA A 387 -13.80 0.97 -24.29
C ALA A 387 -14.17 1.16 -22.83
N ILE A 388 -13.19 0.92 -21.95
CA ILE A 388 -13.36 1.11 -20.51
C ILE A 388 -12.52 2.31 -20.10
N PHE A 389 -13.17 3.30 -19.51
CA PHE A 389 -12.54 4.56 -19.13
C PHE A 389 -12.30 4.55 -17.62
N VAL A 390 -11.03 4.56 -17.22
CA VAL A 390 -10.64 4.60 -15.81
C VAL A 390 -10.17 6.01 -15.49
N ALA A 391 -10.75 6.61 -14.46
CA ALA A 391 -10.42 7.97 -14.05
C ALA A 391 -10.09 7.98 -12.57
N GLU A 392 -9.02 8.70 -12.22
CA GLU A 392 -8.57 8.77 -10.83
C GLU A 392 -7.86 10.09 -10.60
N GLY A 393 -8.17 10.72 -9.48
CA GLY A 393 -7.55 11.98 -9.11
C GLY A 393 -8.58 12.91 -8.50
N ALA A 394 -8.23 14.19 -8.49
CA ALA A 394 -9.14 15.21 -7.96
C ALA A 394 -9.94 15.84 -9.09
N SER A 395 -9.57 17.07 -9.47
CA SER A 395 -10.29 17.75 -10.55
C SER A 395 -10.14 17.03 -11.89
N THR A 396 -9.00 16.37 -12.10
CA THR A 396 -8.84 15.53 -13.29
C THR A 396 -9.95 14.50 -13.38
N MET A 397 -10.27 13.84 -12.26
CA MET A 397 -11.35 12.87 -12.24
C MET A 397 -12.71 13.56 -12.15
N ASP A 398 -12.78 14.70 -11.44
CA ASP A 398 -14.06 15.38 -11.24
C ASP A 398 -14.58 15.96 -12.54
N ILE A 399 -13.77 16.77 -13.22
CA ILE A 399 -14.23 17.41 -14.45
C ILE A 399 -14.49 16.37 -15.53
N SER A 400 -13.75 15.26 -15.52
CA SER A 400 -13.98 14.21 -16.50
C SER A 400 -15.38 13.62 -16.40
N ARG A 401 -16.02 13.72 -15.23
CA ARG A 401 -17.41 13.28 -15.10
C ARG A 401 -18.33 14.08 -16.02
N THR A 402 -18.01 15.37 -16.23
CA THR A 402 -18.85 16.23 -17.06
C THR A 402 -18.48 16.16 -18.53
N VAL A 403 -17.19 16.20 -18.84
CA VAL A 403 -16.76 16.28 -20.24
C VAL A 403 -16.85 14.92 -20.91
N ILE A 404 -16.36 13.87 -20.26
CA ILE A 404 -16.27 12.55 -20.86
C ILE A 404 -17.62 11.85 -20.70
N ASN A 405 -18.33 11.68 -21.81
CA ASN A 405 -19.59 10.96 -21.79
C ASN A 405 -19.36 9.45 -21.89
N GLN A 406 -20.29 8.69 -21.32
CA GLN A 406 -20.31 7.24 -21.45
C GLN A 406 -21.61 6.83 -22.11
N TYR A 407 -21.53 5.86 -23.02
CA TYR A 407 -22.69 5.45 -23.80
C TYR A 407 -23.06 3.98 -23.61
N LEU A 408 -22.24 3.20 -22.91
CA LEU A 408 -22.50 1.79 -22.69
C LEU A 408 -22.46 1.48 -21.20
N PRO A 409 -23.26 0.52 -20.74
CA PRO A 409 -23.30 0.22 -19.31
C PRO A 409 -21.97 -0.33 -18.80
N ARG A 410 -21.54 0.19 -17.65
CA ARG A 410 -20.33 -0.26 -16.96
C ARG A 410 -19.10 -0.10 -17.85
N THR A 411 -18.81 1.15 -18.19
CA THR A 411 -17.61 1.50 -18.94
C THR A 411 -16.74 2.54 -18.26
N ARG A 412 -17.14 3.03 -17.08
CA ARG A 412 -16.36 4.02 -16.34
C ARG A 412 -16.08 3.48 -14.94
N LEU A 413 -14.83 3.62 -14.50
CA LEU A 413 -14.42 3.26 -13.15
C LEU A 413 -13.67 4.45 -12.55
N ASP A 414 -14.11 4.89 -11.37
CA ASP A 414 -13.47 6.02 -10.70
C ASP A 414 -13.10 5.60 -9.27
N ALA A 415 -12.95 6.58 -8.40
CA ALA A 415 -12.56 6.31 -7.02
C ALA A 415 -13.69 5.67 -6.21
N GLY A 416 -14.93 5.81 -6.65
CA GLY A 416 -16.04 5.15 -6.00
C GLY A 416 -16.47 5.85 -4.71
N SER A 417 -17.30 5.14 -3.95
CA SER A 417 -17.86 5.67 -2.72
C SER A 417 -16.81 5.92 -1.64
N PHE A 418 -15.58 5.40 -1.81
CA PHE A 418 -14.53 5.57 -0.83
C PHE A 418 -13.56 6.68 -1.19
N GLY A 419 -13.61 7.19 -2.42
CA GLY A 419 -12.69 8.25 -2.83
C GLY A 419 -11.23 7.84 -2.73
N SER A 420 -10.92 6.58 -3.05
CA SER A 420 -9.59 6.05 -2.83
C SER A 420 -8.64 6.41 -3.97
N MET A 421 -7.38 6.59 -3.61
CA MET A 421 -6.30 6.70 -4.59
C MET A 421 -5.51 5.39 -4.63
N GLY A 422 -4.87 5.15 -5.77
CA GLY A 422 -4.12 3.92 -5.95
C GLY A 422 -4.89 2.79 -6.60
N LEU A 423 -6.03 3.08 -7.22
CA LEU A 423 -6.83 2.07 -7.90
C LEU A 423 -6.82 2.20 -9.41
N GLY A 424 -6.22 3.26 -9.95
CA GLY A 424 -6.26 3.47 -11.40
C GLY A 424 -5.56 2.36 -12.16
N HIS A 425 -4.31 2.07 -11.81
CA HIS A 425 -3.58 1.00 -12.47
C HIS A 425 -4.27 -0.35 -12.25
N GLY A 426 -4.70 -0.63 -11.02
CA GLY A 426 -5.35 -1.90 -10.74
C GLY A 426 -6.63 -2.08 -11.53
N PHE A 427 -7.47 -1.03 -11.58
CA PHE A 427 -8.71 -1.12 -12.35
C PHE A 427 -8.42 -1.31 -13.83
N ALA A 428 -7.45 -0.57 -14.37
CA ALA A 428 -7.12 -0.68 -15.79
C ALA A 428 -6.55 -2.06 -16.10
N ILE A 429 -5.62 -2.54 -15.28
CA ILE A 429 -5.05 -3.87 -15.49
C ILE A 429 -6.12 -4.94 -15.30
N GLY A 430 -6.98 -4.75 -14.29
CA GLY A 430 -8.06 -5.70 -14.06
C GLY A 430 -9.09 -5.69 -15.17
N ALA A 431 -9.42 -4.51 -15.70
CA ALA A 431 -10.38 -4.42 -16.79
C ALA A 431 -9.85 -5.08 -18.05
N ALA A 432 -8.57 -4.87 -18.37
CA ALA A 432 -7.99 -5.45 -19.57
C ALA A 432 -7.87 -6.97 -19.44
N THR A 433 -7.80 -7.48 -18.21
CA THR A 433 -7.72 -8.93 -18.02
C THR A 433 -9.09 -9.58 -18.13
N GLN A 434 -10.14 -8.89 -17.66
CA GLN A 434 -11.49 -9.41 -17.78
C GLN A 434 -11.94 -9.44 -19.23
N PHE A 435 -11.68 -8.37 -19.97
CA PHE A 435 -11.99 -8.30 -21.40
C PHE A 435 -10.68 -8.32 -22.17
N PRO A 436 -10.28 -9.46 -22.74
CA PRO A 436 -8.92 -9.56 -23.33
C PRO A 436 -8.64 -8.53 -24.41
N GLY A 437 -9.50 -8.44 -25.43
CA GLY A 437 -9.24 -7.55 -26.54
C GLY A 437 -9.75 -6.14 -26.39
N LYS A 438 -10.44 -5.81 -25.30
CA LYS A 438 -11.04 -4.49 -25.17
C LYS A 438 -9.98 -3.45 -24.83
N ARG A 439 -10.13 -2.26 -25.39
CA ARG A 439 -9.21 -1.16 -25.13
C ARG A 439 -9.59 -0.48 -23.82
N VAL A 440 -8.57 -0.06 -23.06
CA VAL A 440 -8.75 0.58 -21.76
C VAL A 440 -8.02 1.91 -21.75
N ILE A 441 -8.73 2.97 -21.36
CA ILE A 441 -8.15 4.30 -21.22
C ILE A 441 -8.12 4.64 -19.74
N CYS A 442 -6.92 4.90 -19.22
CA CYS A 442 -6.72 5.16 -17.79
C CYS A 442 -6.28 6.61 -17.62
N LEU A 443 -7.25 7.49 -17.39
CA LEU A 443 -6.96 8.90 -17.13
C LEU A 443 -6.65 9.08 -15.66
N GLN A 444 -5.53 9.75 -15.37
CA GLN A 444 -5.10 9.98 -14.00
C GLN A 444 -4.43 11.33 -13.89
N GLY A 445 -4.49 11.92 -12.69
CA GLY A 445 -3.64 13.04 -12.38
C GLY A 445 -2.25 12.58 -11.97
N ASP A 446 -1.32 13.52 -11.94
CA ASP A 446 0.05 13.17 -11.58
C ASP A 446 0.12 12.67 -10.14
N GLY A 447 -0.66 13.27 -9.24
CA GLY A 447 -0.68 12.80 -7.87
C GLY A 447 -1.25 11.40 -7.74
N ALA A 448 -2.33 11.12 -8.46
CA ALA A 448 -2.93 9.79 -8.43
C ALA A 448 -2.01 8.75 -9.06
N PHE A 449 -1.28 9.15 -10.10
CA PHE A 449 -0.43 8.20 -10.82
C PHE A 449 0.70 7.65 -9.95
N GLY A 450 1.20 8.46 -9.01
CA GLY A 450 2.35 8.07 -8.21
C GLY A 450 2.07 6.98 -7.18
N PHE A 451 0.81 6.67 -6.92
CA PHE A 451 0.49 5.65 -5.93
C PHE A 451 0.89 4.26 -6.39
N ALA A 452 0.92 4.02 -7.70
CA ALA A 452 1.31 2.74 -8.27
C ALA A 452 1.83 2.97 -9.68
N GLY A 453 2.89 3.77 -9.80
CA GLY A 453 3.38 4.16 -11.11
C GLY A 453 4.07 3.03 -11.85
N THR A 454 4.84 2.21 -11.14
CA THR A 454 5.58 1.12 -11.76
C THR A 454 4.68 -0.01 -12.23
N GLU A 455 3.38 0.03 -11.92
CA GLU A 455 2.46 -0.99 -12.38
C GLU A 455 2.27 -0.99 -13.89
N CYS A 456 2.74 0.04 -14.58
CA CYS A 456 2.67 0.04 -16.05
C CYS A 456 3.49 -1.08 -16.64
N GLU A 457 4.54 -1.52 -15.95
CA GLU A 457 5.34 -2.65 -16.44
C GLU A 457 4.51 -3.91 -16.56
N VAL A 458 3.50 -4.08 -15.70
CA VAL A 458 2.61 -5.23 -15.82
C VAL A 458 1.88 -5.20 -17.15
N ALA A 459 1.44 -4.02 -17.58
CA ALA A 459 0.79 -3.89 -18.88
C ALA A 459 1.75 -4.15 -20.03
N VAL A 460 3.06 -4.01 -19.80
CA VAL A 460 4.04 -4.35 -20.83
C VAL A 460 4.32 -5.84 -20.83
N ARG A 461 4.50 -6.43 -19.65
CA ARG A 461 4.84 -7.85 -19.55
C ARG A 461 3.70 -8.73 -20.07
N TYR A 462 2.46 -8.29 -19.91
CA TYR A 462 1.30 -9.01 -20.43
C TYR A 462 0.74 -8.40 -21.69
N ASN A 463 1.33 -7.29 -22.17
CA ASN A 463 0.93 -6.63 -23.41
C ASN A 463 -0.56 -6.27 -23.40
N LEU A 464 -0.91 -5.40 -22.46
CA LEU A 464 -2.31 -5.05 -22.31
C LEU A 464 -2.63 -3.76 -23.07
N PRO A 465 -3.75 -3.73 -23.80
CA PRO A 465 -4.12 -2.52 -24.54
C PRO A 465 -4.60 -1.40 -23.63
N ILE A 466 -3.70 -0.84 -22.82
CA ILE A 466 -4.04 0.18 -21.86
C ILE A 466 -3.34 1.47 -22.26
N THR A 467 -4.10 2.56 -22.35
CA THR A 467 -3.59 3.88 -22.72
C THR A 467 -3.69 4.78 -21.50
N TRP A 468 -2.55 5.11 -20.89
CA TRP A 468 -2.51 6.01 -19.75
C TRP A 468 -2.41 7.45 -20.20
N ILE A 469 -3.16 8.32 -19.54
CA ILE A 469 -3.13 9.76 -19.79
C ILE A 469 -2.99 10.45 -18.44
N VAL A 470 -1.87 11.14 -18.25
CA VAL A 470 -1.53 11.76 -16.98
C VAL A 470 -1.54 13.26 -17.14
N PHE A 471 -2.21 13.96 -16.22
CA PHE A 471 -2.25 15.42 -16.20
C PHE A 471 -1.25 15.89 -15.15
N ASN A 472 -0.06 16.29 -15.59
CA ASN A 472 0.96 16.81 -14.69
C ASN A 472 0.69 18.31 -14.49
N ASN A 473 -0.08 18.62 -13.44
CA ASN A 473 -0.40 20.00 -13.11
C ASN A 473 0.35 20.51 -11.88
N GLY A 474 1.28 19.72 -11.33
CA GLY A 474 2.04 20.14 -10.18
C GLY A 474 1.82 19.32 -8.92
N GLY A 475 1.06 18.23 -8.98
CA GLY A 475 0.85 17.36 -7.84
C GLY A 475 -0.60 17.38 -7.38
N ILE A 476 -0.78 17.18 -6.07
CA ILE A 476 -2.10 17.18 -5.45
C ILE A 476 -2.66 18.60 -5.51
N GLY A 477 -3.18 18.97 -6.65
CA GLY A 477 -3.55 20.35 -6.93
C GLY A 477 -2.55 21.03 -7.86
N GLY A 478 -3.01 22.10 -8.49
CA GLY A 478 -2.18 22.82 -9.43
C GLY A 478 -1.21 23.77 -8.76
N HIS A 479 0.06 23.37 -8.70
CA HIS A 479 1.10 24.16 -8.05
C HIS A 479 1.97 24.81 -9.12
N ARG A 480 2.01 26.13 -9.12
CA ARG A 480 2.84 26.87 -10.07
C ARG A 480 4.32 26.60 -9.82
N ALA A 481 5.13 26.86 -10.85
CA ALA A 481 6.57 26.64 -10.74
C ALA A 481 7.23 27.55 -9.71
N GLU A 482 6.63 28.70 -9.42
CA GLU A 482 7.19 29.61 -8.43
C GLU A 482 7.12 29.03 -7.02
N LEU A 483 6.11 28.22 -6.74
CA LEU A 483 5.97 27.66 -5.39
C LEU A 483 7.12 26.73 -5.04
N PHE A 484 7.71 26.06 -6.03
CA PHE A 484 8.80 25.12 -5.78
C PHE A 484 10.15 25.82 -5.63
N GLU A 485 10.25 27.10 -5.99
CA GLU A 485 11.49 27.84 -5.78
C GLU A 485 11.69 28.26 -4.34
N ARG A 486 10.65 28.14 -3.50
CA ARG A 486 10.73 28.59 -2.13
C ARG A 486 11.53 27.60 -1.27
N ASP A 487 11.89 28.04 -0.06
CA ASP A 487 12.65 27.18 0.85
C ASP A 487 11.84 25.96 1.23
N GLN A 488 10.63 26.17 1.75
CA GLN A 488 9.73 25.07 2.10
C GLN A 488 9.01 24.62 0.83
N LYS A 489 9.34 23.42 0.37
CA LYS A 489 8.71 22.89 -0.83
C LYS A 489 7.21 22.70 -0.60
N PRO A 490 6.40 22.84 -1.64
CA PRO A 490 4.94 22.76 -1.46
C PRO A 490 4.52 21.45 -0.82
N VAL A 491 3.50 21.54 0.04
CA VAL A 491 3.04 20.39 0.80
C VAL A 491 2.39 19.36 -0.10
N GLY A 492 1.54 19.81 -1.03
CA GLY A 492 0.92 18.90 -1.97
C GLY A 492 1.51 19.00 -3.37
N GLY A 493 2.69 19.60 -3.46
CA GLY A 493 3.31 19.84 -4.75
C GLY A 493 4.21 18.69 -5.18
N MET A 494 4.21 18.42 -6.48
CA MET A 494 5.08 17.43 -7.10
C MET A 494 5.75 18.04 -8.32
N SER A 495 6.80 17.37 -8.79
CA SER A 495 7.64 17.89 -9.87
C SER A 495 6.82 18.27 -11.10
N LEU A 496 6.75 19.57 -11.39
CA LEU A 496 5.98 20.04 -12.54
C LEU A 496 6.58 19.56 -13.85
N GLY A 497 7.89 19.33 -13.88
CA GLY A 497 8.58 18.91 -15.08
C GLY A 497 8.76 17.42 -15.21
N ALA A 498 8.10 16.61 -14.39
CA ALA A 498 8.23 15.17 -14.48
C ALA A 498 7.65 14.66 -15.80
N ARG A 499 8.35 13.70 -16.40
CA ARG A 499 7.97 13.12 -17.68
C ARG A 499 7.57 11.67 -17.44
N TYR A 500 6.29 11.46 -17.13
CA TYR A 500 5.80 10.11 -16.87
C TYR A 500 5.75 9.26 -18.14
N ASP A 501 5.81 9.89 -19.31
CA ASP A 501 5.92 9.12 -20.55
C ASP A 501 7.29 8.48 -20.67
N ILE A 502 8.34 9.18 -20.23
CA ILE A 502 9.67 8.59 -20.19
C ILE A 502 9.73 7.50 -19.13
N LEU A 503 8.96 7.64 -18.05
CA LEU A 503 8.83 6.55 -17.08
C LEU A 503 8.24 5.31 -17.75
N MET A 504 7.17 5.49 -18.53
CA MET A 504 6.58 4.37 -19.25
C MET A 504 7.53 3.85 -20.32
N GLN A 505 8.27 4.75 -20.98
CA GLN A 505 9.23 4.33 -22.00
C GLN A 505 10.31 3.45 -21.39
N GLY A 506 10.82 3.82 -20.21
CA GLY A 506 11.83 3.01 -19.56
C GLY A 506 11.30 1.65 -19.14
N LEU A 507 10.01 1.55 -18.87
CA LEU A 507 9.40 0.28 -18.49
C LEU A 507 9.07 -0.60 -19.68
N GLY A 508 9.20 -0.09 -20.90
CA GLY A 508 8.99 -0.87 -22.10
C GLY A 508 7.72 -0.57 -22.89
N GLY A 509 7.11 0.60 -22.72
CA GLY A 509 5.90 0.95 -23.40
C GLY A 509 6.08 2.21 -24.25
N ALA A 510 5.05 2.49 -25.06
CA ALA A 510 5.07 3.68 -25.88
C ALA A 510 4.95 4.94 -25.03
N ALA A 511 5.48 6.04 -25.55
CA ALA A 511 5.55 7.30 -24.82
C ALA A 511 5.08 8.45 -25.70
N PHE A 512 4.36 9.38 -25.09
CA PHE A 512 3.90 10.59 -25.76
C PHE A 512 3.88 11.73 -24.76
N ASN A 513 4.35 12.91 -25.18
CA ASN A 513 4.35 14.11 -24.36
C ASN A 513 3.61 15.19 -25.12
N ALA A 514 2.29 15.23 -24.96
CA ALA A 514 1.44 16.17 -25.68
C ALA A 514 1.36 17.49 -24.91
N THR A 515 1.81 18.57 -25.54
CA THR A 515 1.84 19.88 -24.90
C THR A 515 0.78 20.83 -25.42
N ASN A 516 0.02 20.46 -26.45
CA ASN A 516 -1.05 21.30 -26.97
C ASN A 516 -2.17 20.41 -27.49
N SER A 517 -3.22 21.05 -28.00
CA SER A 517 -4.40 20.30 -28.46
C SER A 517 -4.07 19.43 -29.66
N ASP A 518 -3.35 19.98 -30.64
CA ASP A 518 -3.01 19.20 -31.83
C ASP A 518 -2.11 18.02 -31.50
N GLU A 519 -1.25 18.16 -30.50
CA GLU A 519 -0.41 17.04 -30.09
C GLU A 519 -1.21 15.99 -29.32
N LEU A 520 -2.16 16.44 -28.49
CA LEU A 520 -2.97 15.49 -27.73
C LEU A 520 -3.89 14.69 -28.64
N ASP A 521 -4.44 15.35 -29.68
CA ASP A 521 -5.28 14.63 -30.63
C ASP A 521 -4.51 13.52 -31.32
N ALA A 522 -3.29 13.81 -31.77
CA ALA A 522 -2.49 12.82 -32.47
C ALA A 522 -1.99 11.74 -31.52
N ALA A 523 -1.59 12.13 -30.30
CA ALA A 523 -1.04 11.17 -29.36
C ALA A 523 -2.08 10.14 -28.94
N ILE A 524 -3.34 10.55 -28.84
CA ILE A 524 -4.40 9.61 -28.46
C ILE A 524 -4.63 8.59 -29.57
N GLU A 525 -4.84 9.06 -30.81
CA GLU A 525 -5.16 8.16 -31.90
C GLU A 525 -3.98 7.26 -32.26
N ALA A 526 -2.75 7.70 -31.97
CA ALA A 526 -1.61 6.83 -32.14
C ALA A 526 -1.57 5.75 -31.07
N ALA A 527 -1.92 6.11 -29.83
CA ALA A 527 -1.92 5.13 -28.74
C ALA A 527 -3.05 4.12 -28.89
N LEU A 528 -4.14 4.50 -29.58
CA LEU A 528 -5.25 3.56 -29.78
C LEU A 528 -4.88 2.49 -30.78
N LYS A 529 -4.13 2.85 -31.83
CA LYS A 529 -3.73 1.90 -32.85
C LYS A 529 -2.61 0.97 -32.39
N ILE A 530 -1.94 1.29 -31.29
CA ILE A 530 -0.87 0.44 -30.77
C ILE A 530 -1.48 -0.77 -30.09
N ASP A 531 -1.04 -1.97 -30.50
CA ASP A 531 -1.51 -3.21 -29.89
C ASP A 531 -0.71 -3.50 -28.62
N GLY A 532 -0.80 -2.57 -27.68
CA GLY A 532 -0.08 -2.67 -26.43
C GLY A 532 -0.23 -1.43 -25.57
N PRO A 533 0.52 -1.38 -24.48
CA PRO A 533 0.41 -0.25 -23.54
C PRO A 533 1.08 1.00 -24.07
N SER A 534 0.70 2.13 -23.46
CA SER A 534 1.22 3.44 -23.83
C SER A 534 0.81 4.42 -22.75
N LEU A 535 1.58 5.52 -22.66
CA LEU A 535 1.29 6.58 -21.71
C LEU A 535 1.46 7.93 -22.42
N ILE A 536 0.45 8.78 -22.31
CA ILE A 536 0.45 10.10 -22.92
C ILE A 536 0.63 11.13 -21.81
N ASN A 537 1.83 11.70 -21.72
CA ASN A 537 2.10 12.72 -20.72
C ASN A 537 1.50 14.05 -21.19
N VAL A 538 0.67 14.65 -20.36
CA VAL A 538 0.02 15.91 -20.71
C VAL A 538 0.42 16.97 -19.68
N PRO A 539 1.46 17.77 -19.95
CA PRO A 539 1.77 18.90 -19.07
C PRO A 539 0.60 19.87 -19.00
N LEU A 540 0.02 19.98 -17.81
CA LEU A 540 -1.19 20.75 -17.60
C LEU A 540 -0.87 22.12 -17.02
N ASP A 541 -1.73 23.08 -17.33
CA ASP A 541 -1.62 24.42 -16.77
C ASP A 541 -1.87 24.37 -15.27
N PRO A 542 -0.91 24.77 -14.42
CA PRO A 542 -1.14 24.77 -12.97
C PRO A 542 -2.15 25.79 -12.50
N ASP A 543 -2.65 26.66 -13.38
CA ASP A 543 -3.70 27.61 -13.05
C ASP A 543 -5.00 27.32 -13.80
N ALA A 544 -5.15 26.10 -14.31
CA ALA A 544 -6.28 25.79 -15.17
C ALA A 544 -7.59 25.93 -14.41
N LYS A 545 -8.56 26.60 -15.05
CA LYS A 545 -9.87 26.77 -14.45
C LYS A 545 -10.54 25.42 -14.27
N ARG A 546 -11.03 25.17 -13.05
CA ARG A 546 -11.68 23.92 -12.72
C ARG A 546 -13.20 24.03 -12.64
N LYS A 547 -13.75 25.21 -12.93
CA LYS A 547 -15.19 25.42 -12.96
C LYS A 547 -15.57 26.12 -14.26
N PRO A 548 -16.76 25.81 -14.81
CA PRO A 548 -17.18 26.41 -16.08
C PRO A 548 -17.52 27.90 -15.96
N ALA B 7 -6.56 35.80 20.82
CA ALA B 7 -5.66 34.90 20.09
C ALA B 7 -6.26 33.50 19.95
N GLU B 8 -6.73 33.18 18.76
CA GLU B 8 -7.32 31.88 18.48
C GLU B 8 -6.30 30.94 17.86
N ILE B 9 -6.68 29.66 17.77
CA ILE B 9 -5.84 28.63 17.19
C ILE B 9 -6.73 27.45 16.81
N ASP B 10 -6.45 26.85 15.67
CA ASP B 10 -7.22 25.72 15.18
C ASP B 10 -6.53 24.41 15.53
N GLY B 11 -7.24 23.30 15.25
CA GLY B 11 -6.73 21.99 15.67
C GLY B 11 -5.44 21.61 14.98
N GLN B 12 -5.34 21.88 13.67
CA GLN B 12 -4.14 21.48 12.93
C GLN B 12 -2.89 22.17 13.45
N THR B 13 -3.01 23.42 13.91
CA THR B 13 -1.86 24.10 14.51
C THR B 13 -1.52 23.51 15.86
N ILE B 14 -2.54 23.12 16.64
CA ILE B 14 -2.29 22.52 17.95
C ILE B 14 -1.55 21.20 17.80
N ILE B 15 -1.92 20.40 16.79
CA ILE B 15 -1.23 19.14 16.54
C ILE B 15 0.24 19.39 16.23
N ALA B 16 0.50 20.31 15.30
CA ALA B 16 1.88 20.58 14.89
C ALA B 16 2.71 21.13 16.05
N ARG B 17 2.14 22.06 16.81
CA ARG B 17 2.88 22.65 17.93
C ARG B 17 3.14 21.61 19.02
N ALA B 18 2.17 20.72 19.26
CA ALA B 18 2.38 19.67 20.24
C ALA B 18 3.49 18.71 19.80
N LEU B 19 3.48 18.33 18.52
CA LEU B 19 4.55 17.48 18.00
C LEU B 19 5.90 18.16 18.11
N LYS B 20 5.97 19.45 17.79
CA LYS B 20 7.22 20.19 17.92
C LYS B 20 7.69 20.21 19.37
N GLN B 21 6.75 20.30 20.32
CA GLN B 21 7.12 20.29 21.72
C GLN B 21 7.58 18.92 22.17
N GLN B 22 7.12 17.85 21.53
CA GLN B 22 7.51 16.50 21.87
C GLN B 22 8.80 16.05 21.19
N GLY B 23 9.42 16.92 20.40
CA GLY B 23 10.66 16.59 19.73
C GLY B 23 10.52 16.06 18.33
N VAL B 24 9.33 16.16 17.72
CA VAL B 24 9.15 15.69 16.35
C VAL B 24 9.81 16.68 15.39
N GLU B 25 10.59 16.16 14.44
CA GLU B 25 11.31 16.99 13.50
C GLU B 25 11.03 16.67 12.04
N ALA B 26 10.23 15.64 11.74
CA ALA B 26 9.97 15.26 10.37
C ALA B 26 8.59 14.63 10.27
N MET B 27 7.95 14.81 9.12
CA MET B 27 6.63 14.25 8.86
C MET B 27 6.53 13.89 7.39
N PHE B 28 6.27 12.60 7.11
CA PHE B 28 6.12 12.10 5.76
C PHE B 28 4.66 11.75 5.52
N GLY B 29 4.08 12.27 4.45
CA GLY B 29 2.68 11.98 4.21
C GLY B 29 2.24 12.36 2.81
N VAL B 30 1.01 11.98 2.51
CA VAL B 30 0.32 12.35 1.27
C VAL B 30 -0.94 13.09 1.67
N VAL B 31 -0.98 14.39 1.41
CA VAL B 31 -2.02 15.25 1.95
C VAL B 31 -3.33 15.08 1.20
N GLY B 32 -4.36 15.76 1.68
CA GLY B 32 -5.71 15.58 1.19
C GLY B 32 -6.69 15.84 2.32
N ILE B 33 -7.97 15.79 1.96
CA ILE B 33 -9.01 16.02 2.97
C ILE B 33 -8.95 14.91 4.01
N PRO B 34 -8.90 15.23 5.31
CA PRO B 34 -8.89 16.57 5.91
C PRO B 34 -7.55 16.93 6.56
N VAL B 35 -6.44 16.33 6.14
CA VAL B 35 -5.17 16.49 6.84
C VAL B 35 -4.22 17.43 6.12
N THR B 36 -4.70 18.14 5.09
CA THR B 36 -3.81 19.00 4.31
C THR B 36 -3.27 20.14 5.17
N GLY B 37 -4.12 20.74 6.01
CA GLY B 37 -3.68 21.84 6.85
C GLY B 37 -2.74 21.44 7.97
N ILE B 38 -2.72 20.15 8.33
CA ILE B 38 -1.80 19.69 9.37
C ILE B 38 -0.37 19.76 8.88
N ALA B 39 -0.12 19.35 7.63
CA ALA B 39 1.22 19.44 7.07
C ALA B 39 1.67 20.89 6.94
N ALA B 40 0.76 21.78 6.50
CA ALA B 40 1.11 23.19 6.39
C ALA B 40 1.41 23.78 7.77
N ALA B 41 0.64 23.38 8.79
CA ALA B 41 0.93 23.83 10.14
C ALA B 41 2.23 23.23 10.66
N ALA B 42 2.55 22.00 10.24
CA ALA B 42 3.80 21.38 10.66
C ALA B 42 5.01 22.19 10.18
N GLN B 43 4.95 22.69 8.94
CA GLN B 43 6.05 23.50 8.44
C GLN B 43 6.12 24.85 9.12
N ARG B 44 4.96 25.42 9.49
CA ARG B 44 4.97 26.70 10.20
C ARG B 44 5.49 26.58 11.62
N GLU B 45 5.42 25.39 12.22
CA GLU B 45 5.93 25.18 13.57
C GLU B 45 7.35 24.62 13.59
N GLY B 46 7.96 24.42 12.42
CA GLY B 46 9.34 23.98 12.36
C GLY B 46 9.52 22.49 12.24
N ILE B 47 8.68 21.84 11.44
CA ILE B 47 8.78 20.41 11.18
C ILE B 47 8.92 20.20 9.69
N LYS B 48 10.01 19.57 9.27
CA LYS B 48 10.26 19.29 7.86
C LYS B 48 9.23 18.28 7.36
N TYR B 49 8.31 18.73 6.51
CA TYR B 49 7.31 17.86 5.91
C TYR B 49 7.80 17.40 4.55
N VAL B 50 7.88 16.09 4.36
CA VAL B 50 8.32 15.49 3.12
C VAL B 50 7.09 14.84 2.48
N GLY B 51 6.51 15.52 1.49
CA GLY B 51 5.36 14.97 0.80
C GLY B 51 5.76 13.79 -0.06
N MET B 52 5.14 12.64 0.16
CA MET B 52 5.46 11.43 -0.57
C MET B 52 4.41 11.21 -1.67
N ARG B 53 4.46 10.04 -2.29
CA ARG B 53 3.49 9.67 -3.32
C ARG B 53 2.62 8.49 -2.93
N HIS B 54 2.87 7.88 -1.77
CA HIS B 54 2.06 6.78 -1.27
C HIS B 54 2.24 6.70 0.24
N GLU B 55 1.19 6.25 0.92
CA GLU B 55 1.24 6.23 2.38
C GLU B 55 2.18 5.16 2.92
N MET B 56 2.32 4.04 2.20
CA MET B 56 3.18 2.96 2.69
C MET B 56 4.63 3.38 2.85
N PRO B 57 5.31 3.95 1.84
CA PRO B 57 6.68 4.40 2.08
C PRO B 57 6.78 5.61 2.99
N ALA B 58 5.72 6.41 3.10
CA ALA B 58 5.74 7.53 4.03
C ALA B 58 5.79 7.04 5.47
N THR B 59 5.10 5.95 5.77
CA THR B 59 5.12 5.41 7.14
C THR B 59 6.44 4.69 7.42
N TYR B 60 6.98 3.98 6.43
CA TYR B 60 8.29 3.39 6.59
C TYR B 60 9.36 4.46 6.81
N ALA B 61 9.17 5.64 6.23
CA ALA B 61 10.13 6.72 6.43
C ALA B 61 10.10 7.21 7.87
N ALA B 62 8.92 7.22 8.48
CA ALA B 62 8.81 7.65 9.88
C ALA B 62 9.52 6.68 10.81
N GLN B 63 9.49 5.37 10.50
CA GLN B 63 10.23 4.40 11.30
C GLN B 63 11.74 4.63 11.21
N ALA B 64 12.23 4.98 10.03
CA ALA B 64 13.67 5.19 9.85
C ALA B 64 14.15 6.40 10.64
N VAL B 65 13.36 7.46 10.66
CA VAL B 65 13.74 8.65 11.44
C VAL B 65 13.82 8.30 12.93
N SER B 66 12.91 7.46 13.41
CA SER B 66 12.94 7.07 14.82
C SER B 66 14.14 6.19 15.13
N TYR B 67 14.38 5.19 14.29
CA TYR B 67 15.50 4.27 14.54
C TYR B 67 16.84 4.97 14.46
N LEU B 68 16.98 5.91 13.51
CA LEU B 68 18.25 6.62 13.36
C LEU B 68 18.34 7.82 14.30
N GLY B 69 17.26 8.60 14.39
CA GLY B 69 17.31 9.81 15.19
C GLY B 69 17.37 9.53 16.69
N GLY B 70 16.63 8.54 17.15
CA GLY B 70 16.60 8.19 18.56
C GLY B 70 15.35 8.63 19.28
N ARG B 71 14.44 9.32 18.62
CA ARG B 71 13.17 9.66 19.24
C ARG B 71 12.03 9.14 18.38
N LEU B 72 11.31 10.04 17.69
CA LEU B 72 10.05 9.65 17.07
C LEU B 72 9.91 10.28 15.70
N GLY B 73 9.59 9.45 14.70
CA GLY B 73 9.21 9.92 13.39
C GLY B 73 7.70 9.99 13.25
N THR B 74 7.24 10.74 12.26
CA THR B 74 5.82 11.05 12.12
C THR B 74 5.38 10.81 10.68
N ALA B 75 4.18 10.22 10.54
CA ALA B 75 3.54 10.05 9.25
C ALA B 75 2.14 10.62 9.31
N LEU B 76 1.73 11.28 8.22
CA LEU B 76 0.43 11.90 8.11
C LEU B 76 -0.36 11.23 6.99
N ALA B 77 -1.57 10.78 7.29
CA ALA B 77 -2.37 10.00 6.36
C ALA B 77 -3.77 10.58 6.19
N VAL B 78 -4.28 10.51 4.96
CA VAL B 78 -5.64 10.90 4.67
C VAL B 78 -6.61 9.94 5.34
N SER B 79 -7.81 10.43 5.65
CA SER B 79 -8.85 9.59 6.22
C SER B 79 -9.19 8.43 5.30
N GLY B 80 -9.65 7.33 5.89
CA GLY B 80 -10.11 6.18 5.14
C GLY B 80 -9.01 5.43 4.43
N PRO B 81 -8.99 5.54 3.09
CA PRO B 81 -7.97 4.82 2.31
C PRO B 81 -6.55 5.21 2.66
N GLY B 82 -6.31 6.46 3.06
CA GLY B 82 -4.95 6.88 3.37
C GLY B 82 -4.37 6.14 4.56
N VAL B 83 -5.12 6.09 5.66
CA VAL B 83 -4.64 5.40 6.86
C VAL B 83 -4.50 3.91 6.58
N LEU B 84 -5.48 3.31 5.91
CA LEU B 84 -5.45 1.87 5.65
C LEU B 84 -4.43 1.48 4.59
N ASN B 85 -3.80 2.46 3.92
CA ASN B 85 -2.73 2.16 2.98
C ASN B 85 -1.40 1.87 3.66
N ALA B 86 -1.30 2.10 4.97
CA ALA B 86 -0.06 1.94 5.70
C ALA B 86 -0.15 0.92 6.83
N VAL B 87 -1.10 -0.01 6.73
CA VAL B 87 -1.25 -1.02 7.79
C VAL B 87 -0.03 -1.93 7.84
N ALA B 88 0.49 -2.33 6.68
CA ALA B 88 1.66 -3.20 6.65
C ALA B 88 2.90 -2.47 7.18
N ALA B 89 3.04 -1.18 6.84
CA ALA B 89 4.15 -0.41 7.37
C ALA B 89 3.98 -0.15 8.86
N PHE B 90 2.73 0.05 9.30
CA PHE B 90 2.46 0.21 10.73
C PHE B 90 2.83 -1.06 11.49
N ALA B 91 2.46 -2.22 10.93
CA ALA B 91 2.78 -3.49 11.58
C ALA B 91 4.28 -3.78 11.55
N ASN B 92 4.98 -3.34 10.49
CA ASN B 92 6.41 -3.56 10.42
C ASN B 92 7.14 -2.85 11.55
N ALA B 93 6.67 -1.67 11.95
CA ALA B 93 7.25 -0.99 13.10
C ALA B 93 7.02 -1.79 14.38
N TRP B 94 5.87 -2.45 14.49
CA TRP B 94 5.60 -3.30 15.65
C TRP B 94 6.46 -4.55 15.62
N SER B 95 6.65 -5.14 14.44
CA SER B 95 7.44 -6.37 14.33
C SER B 95 8.89 -6.13 14.73
N ASN B 96 9.44 -4.98 14.35
CA ASN B 96 10.81 -4.63 14.70
C ASN B 96 10.91 -3.90 16.03
N ARG B 97 9.79 -3.72 16.74
CA ARG B 97 9.76 -2.98 18.00
C ARG B 97 10.29 -1.55 17.82
N TRP B 98 9.79 -0.89 16.78
CA TRP B 98 10.22 0.47 16.44
C TRP B 98 9.11 1.46 16.71
N PRO B 99 9.40 2.57 17.38
CA PRO B 99 8.37 3.57 17.65
C PRO B 99 8.15 4.50 16.48
N MET B 100 6.92 5.01 16.38
CA MET B 100 6.54 5.98 15.37
C MET B 100 5.14 6.47 15.70
N ILE B 101 4.67 7.45 14.93
CA ILE B 101 3.34 8.01 15.08
C ILE B 101 2.72 8.15 13.71
N LEU B 102 1.58 7.50 13.50
CA LEU B 102 0.79 7.64 12.29
C LEU B 102 -0.39 8.56 12.61
N ILE B 103 -0.36 9.77 12.07
CA ILE B 103 -1.44 10.74 12.25
C ILE B 103 -2.41 10.60 11.09
N GLY B 104 -3.64 10.25 11.39
CA GLY B 104 -4.64 10.04 10.36
C GLY B 104 -5.90 10.83 10.62
N GLY B 105 -6.46 11.39 9.55
CA GLY B 105 -7.74 12.05 9.64
C GLY B 105 -8.88 11.06 9.59
N SER B 106 -10.08 11.56 9.82
CA SER B 106 -11.28 10.74 9.79
C SER B 106 -12.48 11.64 9.55
N TYR B 107 -13.66 11.03 9.57
CA TYR B 107 -14.90 11.77 9.37
C TYR B 107 -15.09 12.81 10.46
N GLU B 108 -15.89 13.82 10.15
CA GLU B 108 -16.22 14.85 11.13
C GLU B 108 -17.16 14.29 12.19
N GLN B 109 -17.04 14.82 13.42
CA GLN B 109 -17.92 14.39 14.50
C GLN B 109 -19.38 14.69 14.16
N THR B 110 -19.63 15.81 13.49
CA THR B 110 -20.97 16.18 13.08
C THR B 110 -21.49 15.38 11.89
N GLY B 111 -20.65 14.53 11.29
CA GLY B 111 -21.06 13.73 10.15
C GLY B 111 -21.02 12.25 10.42
N HIS B 112 -20.97 11.87 11.69
CA HIS B 112 -20.94 10.46 12.06
C HIS B 112 -22.26 9.79 11.71
N LEU B 113 -22.17 8.58 11.15
CA LEU B 113 -23.34 7.78 10.78
C LEU B 113 -24.18 8.46 9.69
N MET B 114 -23.54 9.25 8.84
CA MET B 114 -24.20 9.90 7.73
C MET B 114 -23.75 9.40 6.37
N GLY B 115 -22.70 8.58 6.32
CA GLY B 115 -22.06 8.28 5.06
C GLY B 115 -21.08 9.35 4.65
N PHE B 116 -20.36 9.93 5.60
CA PHE B 116 -19.43 11.01 5.33
C PHE B 116 -18.31 10.53 4.40
N PHE B 117 -17.63 11.49 3.78
CA PHE B 117 -16.53 11.17 2.87
C PHE B 117 -15.46 10.37 3.59
N GLN B 118 -15.22 9.15 3.11
CA GLN B 118 -14.20 8.25 3.67
C GLN B 118 -14.50 7.90 5.13
N GLU B 119 -15.77 7.87 5.49
CA GLU B 119 -16.16 7.44 6.84
C GLU B 119 -16.03 5.93 6.94
N ALA B 120 -15.18 5.45 7.84
CA ALA B 120 -14.96 4.03 8.01
C ALA B 120 -14.31 3.79 9.37
N ASP B 121 -14.30 2.53 9.79
CA ASP B 121 -13.65 2.11 11.03
C ASP B 121 -12.20 1.79 10.70
N GLN B 122 -11.35 2.82 10.73
CA GLN B 122 -9.93 2.64 10.54
C GLN B 122 -9.18 2.43 11.84
N LEU B 123 -9.81 2.71 12.98
CA LEU B 123 -9.14 2.55 14.26
C LEU B 123 -8.93 1.07 14.59
N SER B 124 -9.88 0.22 14.20
CA SER B 124 -9.78 -1.21 14.52
C SER B 124 -8.69 -1.89 13.71
N ALA B 125 -8.37 -1.39 12.52
CA ALA B 125 -7.41 -2.06 11.65
C ALA B 125 -5.99 -1.93 12.15
N LEU B 126 -5.70 -0.94 12.99
CA LEU B 126 -4.34 -0.73 13.49
C LEU B 126 -4.14 -1.19 14.94
N LYS B 127 -5.23 -1.49 15.65
CA LYS B 127 -5.10 -1.94 17.04
C LYS B 127 -4.25 -3.19 17.22
N PRO B 128 -4.34 -4.23 16.37
CA PRO B 128 -3.55 -5.45 16.63
C PRO B 128 -2.05 -5.23 16.66
N TYR B 129 -1.56 -4.06 16.23
CA TYR B 129 -0.13 -3.80 16.20
C TYR B 129 0.25 -2.49 16.88
N ALA B 130 -0.70 -1.79 17.51
CA ALA B 130 -0.47 -0.45 18.02
C ALA B 130 -0.21 -0.48 19.52
N LYS B 131 0.83 0.24 19.95
CA LYS B 131 1.00 0.56 21.35
C LYS B 131 0.02 1.63 21.81
N TYR B 132 -0.72 2.24 20.87
CA TYR B 132 -1.61 3.36 21.13
C TYR B 132 -2.46 3.61 19.90
N ALA B 133 -3.78 3.55 20.05
CA ALA B 133 -4.69 3.79 18.92
C ALA B 133 -5.94 4.45 19.48
N GLU B 134 -6.02 5.77 19.37
CA GLU B 134 -7.11 6.54 19.96
C GLU B 134 -7.60 7.58 18.97
N ARG B 135 -8.87 7.96 19.12
CA ARG B 135 -9.50 9.00 18.33
C ARG B 135 -9.74 10.22 19.21
N VAL B 136 -9.39 11.40 18.71
CA VAL B 136 -9.56 12.63 19.47
C VAL B 136 -11.04 12.90 19.67
N GLU B 137 -11.42 13.24 20.91
CA GLU B 137 -12.79 13.57 21.24
C GLU B 137 -12.98 15.02 21.68
N ARG B 138 -11.92 15.71 22.08
CA ARG B 138 -11.99 17.11 22.51
C ARG B 138 -10.90 17.90 21.81
N LEU B 139 -11.26 19.06 21.28
CA LEU B 139 -10.30 19.88 20.54
C LEU B 139 -9.20 20.42 21.46
N GLU B 140 -9.57 20.89 22.65
CA GLU B 140 -8.61 21.51 23.55
C GLU B 140 -7.66 20.50 24.20
N ARG B 141 -7.92 19.20 24.06
CA ARG B 141 -7.10 18.17 24.69
C ARG B 141 -6.12 17.53 23.72
N ILE B 142 -5.89 18.15 22.56
CA ILE B 142 -4.99 17.55 21.57
C ILE B 142 -3.58 17.34 22.10
N PRO B 143 -2.95 18.30 22.80
CA PRO B 143 -1.60 18.02 23.33
C PRO B 143 -1.54 16.81 24.25
N ILE B 144 -2.65 16.50 24.93
CA ILE B 144 -2.68 15.28 25.75
C ILE B 144 -2.65 14.04 24.87
N TYR B 145 -3.45 14.03 23.80
CA TYR B 145 -3.43 12.90 22.87
C TYR B 145 -2.06 12.72 22.24
N VAL B 146 -1.39 13.83 21.91
CA VAL B 146 -0.08 13.75 21.28
C VAL B 146 0.97 13.27 22.27
N ALA B 147 1.00 13.88 23.46
CA ALA B 147 1.98 13.49 24.47
C ALA B 147 1.80 12.03 24.87
N GLU B 148 0.55 11.56 24.94
CA GLU B 148 0.31 10.16 25.27
C GLU B 148 0.69 9.24 24.13
N ALA B 149 0.57 9.71 22.89
CA ALA B 149 1.02 8.91 21.75
C ALA B 149 2.53 8.76 21.75
N VAL B 150 3.24 9.85 22.06
CA VAL B 150 4.70 9.78 22.17
C VAL B 150 5.10 8.89 23.34
N LYS B 151 4.33 8.94 24.43
CA LYS B 151 4.68 8.20 25.64
C LYS B 151 4.61 6.70 25.40
N LYS B 152 3.48 6.22 24.85
CA LYS B 152 3.33 4.78 24.66
C LYS B 152 4.27 4.24 23.60
N ALA B 153 4.58 5.04 22.58
CA ALA B 153 5.42 4.55 21.49
C ALA B 153 6.86 4.33 21.96
N LEU B 154 7.40 5.25 22.76
CA LEU B 154 8.79 5.20 23.17
C LEU B 154 9.02 4.30 24.38
N HIS B 155 8.22 4.45 25.43
CA HIS B 155 8.46 3.74 26.67
C HIS B 155 7.97 2.30 26.57
N GLY B 156 8.47 1.47 27.49
CA GLY B 156 8.18 0.05 27.42
C GLY B 156 8.86 -0.56 26.20
N VAL B 157 8.27 -1.64 25.70
CA VAL B 157 8.71 -2.22 24.44
C VAL B 157 8.25 -1.30 23.33
N PRO B 158 9.16 -0.66 22.58
CA PRO B 158 8.74 0.35 21.61
C PRO B 158 7.86 -0.23 20.52
N GLY B 159 7.04 0.63 19.94
CA GLY B 159 6.13 0.24 18.89
C GLY B 159 5.36 1.42 18.34
N PRO B 160 4.60 1.20 17.28
CA PRO B 160 3.90 2.30 16.61
C PRO B 160 2.68 2.76 17.38
N ALA B 161 2.31 4.01 17.13
CA ALA B 161 1.14 4.63 17.74
C ALA B 161 0.33 5.33 16.66
N TYR B 162 -0.99 5.20 16.75
CA TYR B 162 -1.91 5.78 15.77
C TYR B 162 -2.81 6.80 16.46
N LEU B 163 -2.88 8.00 15.87
CA LEU B 163 -3.69 9.10 16.41
C LEU B 163 -4.71 9.48 15.35
N GLU B 164 -5.98 9.19 15.61
CA GLU B 164 -7.06 9.54 14.70
C GLU B 164 -7.66 10.88 15.09
N LEU B 165 -7.89 11.73 14.09
CA LEU B 165 -8.38 13.09 14.31
C LEU B 165 -9.63 13.32 13.47
N PRO B 166 -10.75 13.70 14.07
CA PRO B 166 -11.93 14.04 13.27
C PRO B 166 -11.66 15.26 12.40
N GLY B 167 -12.22 15.24 11.19
CA GLY B 167 -11.95 16.30 10.23
C GLY B 167 -12.41 17.67 10.71
N ASP B 168 -13.52 17.73 11.44
CA ASP B 168 -14.02 19.01 11.92
C ASP B 168 -13.16 19.57 13.05
N ILE B 169 -12.55 18.69 13.86
CA ILE B 169 -11.68 19.16 14.93
C ILE B 169 -10.38 19.70 14.37
N ILE B 170 -9.93 19.18 13.22
CA ILE B 170 -8.69 19.65 12.61
C ILE B 170 -8.77 21.14 12.27
N THR B 171 -9.94 21.59 11.80
CA THR B 171 -10.11 22.96 11.35
C THR B 171 -10.86 23.84 12.35
N ALA B 172 -11.43 23.25 13.40
CA ALA B 172 -12.14 24.06 14.39
C ALA B 172 -11.17 24.90 15.20
N LYS B 173 -11.54 26.15 15.44
CA LYS B 173 -10.70 27.08 16.18
C LYS B 173 -11.17 27.21 17.63
N ILE B 174 -10.29 27.77 18.46
CA ILE B 174 -10.56 27.95 19.89
C ILE B 174 -9.53 28.92 20.42
N ASP B 175 -9.87 29.58 21.54
CA ASP B 175 -8.91 30.45 22.21
C ASP B 175 -7.71 29.63 22.67
N GLU B 176 -6.51 30.20 22.48
CA GLU B 176 -5.28 29.47 22.80
C GLU B 176 -5.16 29.23 24.31
N SER B 177 -5.58 30.20 25.12
CA SER B 177 -5.49 30.06 26.58
C SER B 177 -6.35 28.93 27.10
N LYS B 178 -7.28 28.40 26.30
CA LYS B 178 -8.13 27.30 26.69
C LYS B 178 -7.63 25.95 26.17
N VAL B 179 -6.35 25.88 25.78
CA VAL B 179 -5.74 24.66 25.27
C VAL B 179 -4.81 24.10 26.33
N GLU B 180 -4.98 22.81 26.65
CA GLU B 180 -4.19 22.15 27.69
C GLU B 180 -2.91 21.61 27.06
N TRP B 181 -1.86 22.42 27.08
CA TRP B 181 -0.57 21.99 26.56
C TRP B 181 0.13 21.05 27.54
N ALA B 182 0.77 20.02 26.99
CA ALA B 182 1.42 19.00 27.79
C ALA B 182 2.94 19.16 27.76
N PRO B 183 3.62 18.83 28.85
CA PRO B 183 5.08 18.93 28.87
C PRO B 183 5.73 17.89 27.98
N ARG B 184 7.02 18.09 27.74
CA ARG B 184 7.77 17.20 26.85
C ARG B 184 7.92 15.83 27.50
N VAL B 185 7.42 14.80 26.82
CA VAL B 185 7.55 13.43 27.35
C VAL B 185 9.02 13.05 27.41
N PRO B 186 9.54 12.60 28.55
CA PRO B 186 10.97 12.32 28.65
C PRO B 186 11.38 11.13 27.79
N ASP B 187 12.68 11.02 27.56
CA ASP B 187 13.21 9.88 26.86
C ASP B 187 13.09 8.63 27.73
N PRO B 188 13.06 7.44 27.13
CA PRO B 188 12.88 6.22 27.92
C PRO B 188 13.97 6.05 28.97
N LYS B 189 13.56 5.68 30.18
CA LYS B 189 14.49 5.43 31.26
C LYS B 189 15.20 4.10 31.08
N ARG B 190 16.28 3.91 31.83
CA ARG B 190 17.06 2.68 31.79
C ARG B 190 16.87 1.90 33.07
N THR B 191 16.89 0.58 32.95
CA THR B 191 16.74 -0.33 34.08
C THR B 191 17.98 -1.20 34.21
N LEU B 192 18.44 -1.36 35.45
CA LEU B 192 19.56 -2.24 35.74
C LEU B 192 19.07 -3.68 35.90
N SER B 193 19.91 -4.62 35.54
CA SER B 193 19.58 -6.04 35.68
C SER B 193 19.90 -6.52 37.09
N ASP B 194 19.32 -7.66 37.45
CA ASP B 194 19.55 -8.27 38.75
C ASP B 194 21.02 -8.62 38.90
N PRO B 195 21.71 -8.08 39.91
CA PRO B 195 23.14 -8.42 40.08
C PRO B 195 23.39 -9.91 40.25
N ALA B 196 22.44 -10.64 40.85
CA ALA B 196 22.58 -12.09 40.96
C ALA B 196 22.55 -12.74 39.58
N ASP B 197 21.69 -12.24 38.69
CA ASP B 197 21.64 -12.78 37.33
C ASP B 197 22.88 -12.44 36.53
N VAL B 198 23.45 -11.24 36.76
CA VAL B 198 24.66 -10.85 36.04
C VAL B 198 25.84 -11.72 36.44
N GLU B 199 25.95 -12.03 37.74
CA GLU B 199 27.02 -12.89 38.21
C GLU B 199 26.91 -14.29 37.62
N ALA B 200 25.69 -14.81 37.50
CA ALA B 200 25.50 -16.13 36.92
C ALA B 200 25.81 -16.15 35.43
N ALA B 201 25.56 -15.04 34.73
CA ALA B 201 25.90 -14.98 33.32
C ALA B 201 27.40 -15.08 33.10
N ILE B 202 28.19 -14.40 33.95
CA ILE B 202 29.64 -14.51 33.87
C ILE B 202 30.09 -15.91 34.28
N ALA B 203 29.44 -16.49 35.28
CA ALA B 203 29.78 -17.85 35.69
C ALA B 203 29.45 -18.86 34.61
N ALA B 204 28.43 -18.58 33.79
CA ALA B 204 28.08 -19.49 32.70
C ALA B 204 29.07 -19.38 31.54
N LEU B 205 29.55 -18.17 31.26
CA LEU B 205 30.50 -17.99 30.17
C LEU B 205 31.84 -18.65 30.47
N LYS B 206 32.26 -18.66 31.73
CA LYS B 206 33.54 -19.28 32.08
C LYS B 206 33.53 -20.78 31.82
N THR B 207 32.38 -21.43 32.03
CA THR B 207 32.26 -22.86 31.86
C THR B 207 31.95 -23.26 30.42
N ALA B 208 31.78 -22.31 29.52
CA ALA B 208 31.49 -22.62 28.13
C ALA B 208 32.78 -22.97 27.39
N GLN B 209 32.77 -24.11 26.70
CA GLN B 209 33.94 -24.54 25.94
C GLN B 209 33.92 -24.05 24.50
N GLN B 210 32.74 -23.82 23.93
CA GLN B 210 32.60 -23.29 22.58
C GLN B 210 31.55 -22.19 22.58
N PRO B 211 31.82 -21.06 23.23
CA PRO B 211 30.81 -20.01 23.35
C PRO B 211 30.75 -19.12 22.12
N LEU B 212 29.62 -18.42 22.00
CA LEU B 212 29.38 -17.53 20.87
C LEU B 212 28.47 -16.40 21.32
N ILE B 213 28.84 -15.17 20.97
CA ILE B 213 28.03 -13.99 21.24
C ILE B 213 27.23 -13.65 20.00
N ILE B 214 25.94 -13.41 20.16
CA ILE B 214 25.06 -13.00 19.07
C ILE B 214 24.56 -11.59 19.37
N VAL B 215 24.93 -10.64 18.52
CA VAL B 215 24.56 -9.24 18.70
C VAL B 215 23.39 -8.93 17.78
N GLY B 216 22.27 -8.50 18.39
CA GLY B 216 21.08 -8.16 17.64
C GLY B 216 20.86 -6.65 17.55
N LYS B 217 19.80 -6.29 16.82
CA LYS B 217 19.50 -4.88 16.62
C LYS B 217 19.03 -4.19 17.90
N GLY B 218 18.70 -4.95 18.95
CA GLY B 218 18.38 -4.33 20.23
C GLY B 218 19.55 -3.56 20.82
N VAL B 219 20.77 -4.03 20.59
CA VAL B 219 21.96 -3.30 21.00
C VAL B 219 22.05 -1.97 20.24
N ALA B 220 21.66 -1.99 18.96
CA ALA B 220 21.63 -0.75 18.19
C ALA B 220 20.59 0.22 18.74
N ALA B 221 19.39 -0.29 19.04
CA ALA B 221 18.36 0.56 19.62
C ALA B 221 18.74 1.06 21.01
N SER B 222 19.49 0.25 21.76
CA SER B 222 19.93 0.63 23.09
C SER B 222 21.07 1.63 23.10
N ARG B 223 21.63 1.96 21.93
CA ARG B 223 22.83 2.79 21.83
C ARG B 223 23.97 2.19 22.64
N ALA B 224 24.09 0.86 22.58
CA ALA B 224 25.07 0.12 23.36
C ALA B 224 26.21 -0.42 22.50
N GLU B 225 26.52 0.28 21.40
CA GLU B 225 27.61 -0.17 20.54
C GLU B 225 28.96 -0.06 21.25
N VAL B 226 29.11 0.91 22.15
CA VAL B 226 30.36 1.05 22.89
C VAL B 226 30.55 -0.12 23.85
N GLU B 227 29.47 -0.54 24.53
CA GLU B 227 29.58 -1.59 25.53
C GLU B 227 29.66 -2.98 24.90
N ILE B 228 28.97 -3.21 23.77
CA ILE B 228 29.01 -4.53 23.17
C ILE B 228 30.39 -4.82 22.59
N ARG B 229 31.08 -3.79 22.08
CA ARG B 229 32.43 -4.00 21.58
C ARG B 229 33.41 -4.21 22.74
N ALA B 230 33.23 -3.45 23.83
CA ALA B 230 34.03 -3.66 25.01
C ALA B 230 33.77 -5.02 25.65
N PHE B 231 32.64 -5.64 25.35
CA PHE B 231 32.34 -6.94 25.94
C PHE B 231 32.93 -8.07 25.11
N VAL B 232 32.91 -7.94 23.79
CA VAL B 232 33.46 -9.00 22.94
C VAL B 232 34.98 -9.08 23.09
N GLU B 233 35.64 -7.93 23.24
CA GLU B 233 37.09 -7.92 23.38
C GLU B 233 37.54 -8.35 24.76
N LYS B 234 36.84 -7.91 25.81
CA LYS B 234 37.20 -8.31 27.17
C LYS B 234 37.07 -9.80 27.37
N THR B 235 36.09 -10.43 26.73
CA THR B 235 35.88 -11.86 26.87
C THR B 235 36.65 -12.69 25.84
N GLY B 236 36.85 -12.15 24.64
CA GLY B 236 37.54 -12.90 23.60
C GLY B 236 36.69 -13.96 22.92
N ILE B 237 35.37 -13.88 23.06
CA ILE B 237 34.47 -14.85 22.43
C ILE B 237 34.16 -14.36 21.01
N PRO B 238 34.15 -15.24 20.01
CA PRO B 238 33.74 -14.82 18.67
C PRO B 238 32.29 -14.36 18.67
N TYR B 239 32.05 -13.19 18.09
CA TYR B 239 30.73 -12.59 18.06
C TYR B 239 30.11 -12.73 16.67
N LEU B 240 28.78 -12.63 16.63
CA LEU B 240 28.02 -12.69 15.40
C LEU B 240 26.96 -11.60 15.43
N ALA B 241 26.91 -10.79 14.36
CA ALA B 241 26.02 -9.65 14.29
C ALA B 241 24.86 -9.96 13.35
N MET B 242 23.65 -9.60 13.78
CA MET B 242 22.47 -9.72 12.95
C MET B 242 22.54 -8.70 11.81
N PRO B 243 21.72 -8.88 10.76
CA PRO B 243 21.82 -7.98 9.59
C PRO B 243 21.90 -6.50 9.92
N MET B 244 20.97 -5.97 10.72
CA MET B 244 20.98 -4.57 11.07
C MET B 244 21.87 -4.27 12.28
N ALA B 245 22.50 -5.28 12.86
CA ALA B 245 23.51 -5.07 13.88
C ALA B 245 24.90 -4.86 13.29
N LYS B 246 25.06 -5.06 11.99
CA LYS B 246 26.32 -4.79 11.32
C LYS B 246 26.64 -3.30 11.41
N GLY B 247 27.75 -2.97 12.08
CA GLY B 247 28.15 -1.58 12.22
C GLY B 247 28.41 -1.18 13.66
N LEU B 248 27.64 -1.75 14.58
CA LEU B 248 27.88 -1.51 16.01
C LEU B 248 29.32 -1.88 16.37
N ILE B 249 29.73 -3.09 16.02
CA ILE B 249 31.14 -3.45 15.95
C ILE B 249 31.51 -3.51 14.47
N PRO B 250 32.57 -2.82 14.04
CA PRO B 250 32.93 -2.84 12.62
C PRO B 250 33.10 -4.25 12.09
N ASP B 251 32.53 -4.50 10.91
CA ASP B 251 32.46 -5.84 10.36
C ASP B 251 33.82 -6.45 10.05
N ASP B 252 34.89 -5.65 10.06
CA ASP B 252 36.25 -6.16 9.87
C ASP B 252 36.93 -6.49 11.20
N HIS B 253 36.16 -6.74 12.25
CA HIS B 253 36.73 -7.06 13.54
C HIS B 253 37.38 -8.44 13.52
N ASP B 254 38.44 -8.60 14.30
CA ASP B 254 39.17 -9.85 14.34
C ASP B 254 38.43 -10.96 15.09
N GLN B 255 37.26 -10.67 15.67
CA GLN B 255 36.49 -11.67 16.38
C GLN B 255 35.11 -11.88 15.76
N SER B 256 34.92 -11.43 14.52
CA SER B 256 33.63 -11.56 13.86
C SER B 256 33.53 -12.93 13.20
N ALA B 257 32.57 -13.74 13.67
CA ALA B 257 32.33 -15.07 13.12
C ALA B 257 31.26 -15.07 12.04
N ALA B 258 31.13 -13.97 11.30
CA ALA B 258 30.08 -13.89 10.27
C ALA B 258 30.36 -14.83 9.10
N ALA B 259 31.64 -15.04 8.76
CA ALA B 259 31.97 -15.94 7.67
C ALA B 259 31.68 -17.40 8.01
N ALA B 260 31.60 -17.73 9.30
CA ALA B 260 31.26 -19.08 9.72
C ALA B 260 29.97 -19.07 10.53
N ARG B 261 28.94 -18.41 10.00
CA ARG B 261 27.69 -18.29 10.73
C ARG B 261 27.04 -19.65 10.96
N SER B 262 26.86 -20.41 9.88
CA SER B 262 26.27 -21.74 10.01
C SER B 262 27.15 -22.66 10.85
N PHE B 263 28.46 -22.41 10.88
CA PHE B 263 29.35 -23.24 11.67
C PHE B 263 29.23 -22.94 13.17
N VAL B 264 29.17 -21.66 13.53
CA VAL B 264 29.11 -21.30 14.94
C VAL B 264 27.73 -21.56 15.53
N LEU B 265 26.68 -21.46 14.72
CA LEU B 265 25.34 -21.74 15.22
C LEU B 265 25.09 -23.23 15.42
N GLN B 266 25.83 -24.08 14.71
CA GLN B 266 25.61 -25.52 14.76
C GLN B 266 26.56 -26.24 15.71
N ASN B 267 27.54 -25.54 16.29
CA ASN B 267 28.52 -26.18 17.15
C ASN B 267 28.72 -25.49 18.50
N ALA B 268 28.17 -24.29 18.71
CA ALA B 268 28.37 -23.60 19.97
C ALA B 268 27.65 -24.31 21.11
N ASP B 269 28.36 -24.53 22.21
CA ASP B 269 27.73 -25.14 23.38
C ASP B 269 26.96 -24.13 24.20
N LEU B 270 27.34 -22.85 24.14
CA LEU B 270 26.64 -21.79 24.83
C LEU B 270 26.54 -20.59 23.90
N ILE B 271 25.42 -19.87 23.99
CA ILE B 271 25.15 -18.73 23.12
C ILE B 271 24.71 -17.56 24.01
N PHE B 272 25.41 -16.43 23.88
CA PHE B 272 25.04 -15.20 24.58
C PHE B 272 24.18 -14.37 23.65
N LEU B 273 22.89 -14.26 23.97
CA LEU B 273 21.92 -13.58 23.11
C LEU B 273 21.74 -12.15 23.62
N VAL B 274 22.23 -11.18 22.85
CA VAL B 274 22.18 -9.77 23.23
C VAL B 274 21.28 -9.05 22.24
N GLY B 275 20.14 -8.56 22.72
CA GLY B 275 19.26 -7.76 21.88
C GLY B 275 18.71 -8.46 20.66
N ALA B 276 18.66 -9.79 20.67
CA ALA B 276 18.16 -10.57 19.54
C ALA B 276 17.15 -11.59 20.03
N ARG B 277 16.28 -12.02 19.12
CA ARG B 277 15.25 -13.00 19.40
C ARG B 277 15.52 -14.27 18.62
N LEU B 278 15.14 -15.41 19.21
CA LEU B 278 15.26 -16.71 18.54
C LEU B 278 14.06 -16.91 17.63
N ASN B 279 14.00 -16.08 16.60
CA ASN B 279 12.91 -16.10 15.63
C ASN B 279 13.34 -16.87 14.39
N TRP B 280 12.68 -16.62 13.26
CA TRP B 280 13.07 -17.26 12.00
C TRP B 280 14.48 -16.88 11.60
N MET B 281 14.92 -15.67 11.92
CA MET B 281 16.26 -15.23 11.55
C MET B 281 17.33 -16.08 12.23
N LEU B 282 17.11 -16.42 13.50
CA LEU B 282 18.04 -17.26 14.24
C LEU B 282 17.61 -18.72 14.27
N HIS B 283 16.77 -19.14 13.32
CA HIS B 283 16.36 -20.54 13.17
C HIS B 283 15.77 -21.12 14.47
N PHE B 284 15.15 -20.26 15.27
CA PHE B 284 14.51 -20.60 16.53
C PHE B 284 15.47 -21.26 17.53
N GLY B 285 16.77 -21.19 17.30
CA GLY B 285 17.72 -21.86 18.15
C GLY B 285 17.58 -23.38 18.20
N LEU B 286 16.88 -23.96 17.23
CA LEU B 286 16.57 -25.37 17.23
C LEU B 286 17.39 -26.13 16.21
N PRO B 287 17.56 -27.44 16.38
CA PRO B 287 18.23 -28.25 15.36
C PRO B 287 17.46 -28.23 14.06
N PRO B 288 18.11 -28.57 12.93
CA PRO B 288 19.51 -29.01 12.78
C PRO B 288 20.49 -27.85 12.75
N ARG B 289 20.00 -26.61 12.69
CA ARG B 289 20.88 -25.46 12.65
C ARG B 289 21.60 -25.22 13.97
N PHE B 290 21.12 -25.83 15.06
CA PHE B 290 21.70 -25.66 16.38
C PHE B 290 21.84 -27.01 17.07
N ARG B 291 22.74 -27.05 18.05
CA ARG B 291 22.84 -28.24 18.89
C ARG B 291 21.67 -28.30 19.84
N PRO B 292 21.08 -29.49 20.06
CA PRO B 292 19.90 -29.58 20.94
C PRO B 292 20.20 -29.23 22.39
N ASP B 293 21.45 -29.29 22.82
CA ASP B 293 21.81 -29.09 24.22
C ASP B 293 22.45 -27.72 24.45
N VAL B 294 22.28 -26.78 23.53
CA VAL B 294 22.93 -25.48 23.66
C VAL B 294 22.35 -24.72 24.84
N ARG B 295 23.21 -24.08 25.61
CA ARG B 295 22.81 -23.28 26.76
C ARG B 295 22.70 -21.82 26.35
N VAL B 296 21.65 -21.15 26.82
CA VAL B 296 21.29 -19.81 26.36
C VAL B 296 21.42 -18.83 27.51
N VAL B 297 22.19 -17.77 27.28
CA VAL B 297 22.23 -16.60 28.16
C VAL B 297 21.62 -15.44 27.37
N GLN B 298 20.51 -14.91 27.86
CA GLN B 298 19.72 -13.94 27.11
C GLN B 298 19.70 -12.60 27.83
N LEU B 299 19.74 -11.53 27.03
CA LEU B 299 19.61 -10.16 27.54
C LEU B 299 18.61 -9.44 26.64
N ASP B 300 17.40 -9.24 27.15
CA ASP B 300 16.32 -8.61 26.39
C ASP B 300 15.40 -7.91 27.38
N PHE B 301 15.23 -6.60 27.23
CA PHE B 301 14.46 -5.84 28.22
C PHE B 301 12.96 -6.10 28.13
N ASN B 302 12.52 -6.94 27.18
CA ASN B 302 11.14 -7.40 27.14
C ASN B 302 11.06 -8.74 27.87
N PRO B 303 10.53 -8.76 29.09
CA PRO B 303 10.52 -10.01 29.87
C PRO B 303 9.71 -11.12 29.23
N GLU B 304 8.77 -10.79 28.34
CA GLU B 304 7.95 -11.80 27.70
C GLU B 304 8.70 -12.58 26.63
N GLU B 305 9.93 -12.18 26.31
CA GLU B 305 10.72 -12.81 25.27
C GLU B 305 11.71 -13.83 25.80
N ILE B 306 11.78 -14.03 27.11
CA ILE B 306 12.78 -14.92 27.69
C ILE B 306 12.31 -16.36 27.56
N GLY B 307 13.26 -17.27 27.31
CA GLY B 307 12.96 -18.68 27.19
C GLY B 307 12.18 -19.08 25.96
N ILE B 308 11.99 -18.16 25.01
CA ILE B 308 11.21 -18.47 23.81
C ILE B 308 11.93 -19.51 22.97
N ASN B 309 11.19 -20.54 22.55
CA ASN B 309 11.68 -21.60 21.67
C ASN B 309 12.72 -22.49 22.33
N VAL B 310 13.75 -21.90 22.92
CA VAL B 310 14.82 -22.63 23.58
C VAL B 310 14.91 -22.14 25.02
N PRO B 311 15.00 -23.04 26.01
CA PRO B 311 15.10 -22.59 27.41
C PRO B 311 16.28 -21.66 27.63
N THR B 312 16.04 -20.58 28.38
CA THR B 312 17.06 -19.60 28.72
C THR B 312 17.62 -19.93 30.10
N GLU B 313 18.88 -20.35 30.16
CA GLU B 313 19.49 -20.71 31.43
C GLU B 313 19.58 -19.50 32.35
N VAL B 314 20.35 -18.49 31.95
CA VAL B 314 20.49 -17.25 32.70
C VAL B 314 19.84 -16.15 31.89
N GLY B 315 18.79 -15.54 32.45
CA GLY B 315 18.04 -14.49 31.79
C GLY B 315 18.27 -13.15 32.46
N MET B 316 18.51 -12.12 31.66
CA MET B 316 18.74 -10.77 32.17
C MET B 316 17.80 -9.82 31.43
N ILE B 317 16.83 -9.26 32.14
CA ILE B 317 16.00 -8.20 31.60
C ILE B 317 16.56 -6.88 32.09
N GLY B 318 16.36 -5.84 31.28
CA GLY B 318 16.95 -4.56 31.59
C GLY B 318 17.68 -3.98 30.39
N ASP B 319 17.99 -2.68 30.44
CA ASP B 319 18.63 -2.02 29.32
C ASP B 319 19.96 -2.70 28.98
N ALA B 320 20.15 -3.01 27.71
CA ALA B 320 21.35 -3.73 27.29
C ALA B 320 22.61 -2.95 27.61
N LYS B 321 22.57 -1.62 27.41
CA LYS B 321 23.74 -0.80 27.69
C LYS B 321 24.10 -0.84 29.17
N ALA B 322 23.11 -0.67 30.04
CA ALA B 322 23.38 -0.69 31.47
C ALA B 322 23.77 -2.09 31.95
N THR B 323 23.15 -3.12 31.37
CA THR B 323 23.49 -4.49 31.77
C THR B 323 24.89 -4.87 31.29
N LEU B 324 25.24 -4.49 30.07
CA LEU B 324 26.60 -4.73 29.59
C LEU B 324 27.63 -4.03 30.45
N SER B 325 27.28 -2.88 31.03
CA SER B 325 28.16 -2.24 32.00
C SER B 325 28.34 -3.12 33.24
N GLN B 326 27.25 -3.73 33.71
CA GLN B 326 27.36 -4.68 34.81
C GLN B 326 28.22 -5.88 34.41
N LEU B 327 27.94 -6.45 33.25
CA LEU B 327 28.71 -7.61 32.78
C LEU B 327 30.19 -7.28 32.68
N LEU B 328 30.53 -6.07 32.23
CA LEU B 328 31.93 -5.66 32.18
C LEU B 328 32.50 -5.47 33.58
N ASP B 329 31.68 -4.94 34.50
CA ASP B 329 32.16 -4.71 35.87
C ASP B 329 32.48 -6.03 36.56
N VAL B 330 31.71 -7.08 36.28
CA VAL B 330 32.01 -8.39 36.86
C VAL B 330 33.25 -8.98 36.20
N LEU B 331 33.45 -8.72 34.91
CA LEU B 331 34.66 -9.20 34.24
C LEU B 331 35.90 -8.49 34.73
N ASP B 332 35.77 -7.22 35.11
CA ASP B 332 36.93 -6.42 35.52
C ASP B 332 37.49 -6.81 36.88
N ARG B 333 36.86 -7.76 37.58
CA ARG B 333 37.40 -8.25 38.86
C ARG B 333 38.32 -9.44 38.63
N ASP B 334 37.76 -10.55 38.17
CA ASP B 334 38.56 -11.74 37.88
C ASP B 334 39.49 -11.52 36.69
N GLY B 335 39.17 -10.59 35.80
CA GLY B 335 39.96 -10.42 34.59
C GLY B 335 39.91 -11.63 33.68
N TRP B 336 38.86 -12.43 33.77
CA TRP B 336 38.75 -13.64 32.99
C TRP B 336 38.58 -13.32 31.51
N ARG B 337 39.16 -14.18 30.67
CA ARG B 337 39.06 -14.05 29.23
C ARG B 337 39.19 -15.43 28.61
N PHE B 338 38.41 -15.68 27.56
CA PHE B 338 38.47 -16.95 26.87
C PHE B 338 39.86 -17.14 26.25
N PRO B 339 40.41 -18.35 26.28
CA PRO B 339 41.78 -18.55 25.78
C PRO B 339 41.92 -18.17 24.31
N ASP B 340 43.04 -17.51 23.99
CA ASP B 340 43.30 -17.12 22.62
C ASP B 340 43.66 -18.33 21.76
N ASP B 341 44.51 -19.22 22.29
CA ASP B 341 44.95 -20.41 21.57
C ASP B 341 43.91 -21.53 21.59
N SER B 342 42.71 -21.27 22.11
CA SER B 342 41.69 -22.31 22.20
C SER B 342 41.31 -22.81 20.81
N GLU B 343 41.10 -24.12 20.71
CA GLU B 343 40.72 -24.72 19.43
C GLU B 343 39.35 -24.25 18.95
N TRP B 344 38.51 -23.77 19.86
CA TRP B 344 37.22 -23.23 19.45
C TRP B 344 37.39 -21.96 18.61
N VAL B 345 38.29 -21.08 19.03
CA VAL B 345 38.56 -19.87 18.25
C VAL B 345 39.32 -20.23 16.98
N THR B 346 40.21 -21.21 17.06
CA THR B 346 40.99 -21.62 15.89
C THR B 346 40.09 -22.25 14.83
N ALA B 347 39.19 -23.15 15.25
CA ALA B 347 38.28 -23.78 14.30
C ALA B 347 37.31 -22.77 13.69
N VAL B 348 36.89 -21.76 14.47
CA VAL B 348 36.06 -20.70 13.92
C VAL B 348 36.84 -19.92 12.88
N SER B 349 38.10 -19.58 13.17
CA SER B 349 38.92 -18.87 12.20
C SER B 349 39.22 -19.74 10.98
N ALA B 350 39.31 -21.05 11.16
CA ALA B 350 39.57 -21.93 10.02
C ALA B 350 38.38 -21.97 9.07
N GLU B 351 37.17 -22.11 9.62
CA GLU B 351 35.98 -22.11 8.78
C GLU B 351 35.69 -20.73 8.22
N ALA B 352 36.09 -19.68 8.93
CA ALA B 352 35.81 -18.32 8.47
C ALA B 352 36.71 -17.93 7.31
N ARG B 353 38.02 -18.11 7.46
CA ARG B 353 38.95 -17.73 6.41
C ARG B 353 38.78 -18.60 5.17
N GLN B 354 38.15 -19.77 5.29
CA GLN B 354 37.88 -20.60 4.12
C GLN B 354 36.63 -20.14 3.40
N ASN B 355 35.54 -19.90 4.14
CA ASN B 355 34.31 -19.43 3.51
C ASN B 355 34.49 -18.06 2.89
N ALA B 356 35.35 -17.21 3.48
CA ALA B 356 35.61 -15.90 2.91
C ALA B 356 36.34 -16.02 1.57
N GLU B 357 37.21 -17.02 1.44
CA GLU B 357 37.91 -17.23 0.17
C GLU B 357 36.95 -17.70 -0.92
N ALA B 358 35.95 -18.51 -0.54
CA ALA B 358 34.95 -18.93 -1.52
C ALA B 358 34.12 -17.75 -1.99
N VAL B 359 33.74 -16.85 -1.08
CA VAL B 359 33.00 -15.66 -1.47
C VAL B 359 33.91 -14.72 -2.26
N GLN B 360 35.17 -14.61 -1.87
CA GLN B 360 36.11 -13.77 -2.61
C GLN B 360 36.35 -14.31 -4.01
N ALA B 361 36.31 -15.63 -4.19
CA ALA B 361 36.48 -16.20 -5.52
C ALA B 361 35.33 -15.83 -6.44
N MET B 362 34.10 -15.82 -5.91
CA MET B 362 32.96 -15.42 -6.73
C MET B 362 32.98 -13.93 -7.02
N MET B 363 33.55 -13.13 -6.12
CA MET B 363 33.65 -11.70 -6.34
C MET B 363 34.65 -11.34 -7.44
N GLN B 364 35.52 -12.26 -7.81
CA GLN B 364 36.49 -12.03 -8.87
C GLN B 364 35.96 -12.39 -10.25
N GLU B 365 34.83 -13.09 -10.32
CA GLU B 365 34.27 -13.54 -11.61
C GLU B 365 33.56 -12.38 -12.28
N ASP B 366 34.10 -11.89 -13.39
CA ASP B 366 33.49 -10.84 -14.18
C ASP B 366 32.75 -11.46 -15.36
N THR B 367 31.46 -11.15 -15.48
CA THR B 367 30.63 -11.69 -16.54
C THR B 367 29.69 -10.61 -17.06
N GLN B 368 29.11 -10.88 -18.21
CA GLN B 368 28.16 -9.97 -18.85
C GLN B 368 26.90 -10.76 -19.20
N PRO B 369 25.77 -10.54 -18.51
CA PRO B 369 25.54 -9.52 -17.47
C PRO B 369 26.24 -9.83 -16.15
N LEU B 370 26.30 -8.87 -15.24
CA LEU B 370 26.98 -9.04 -13.98
C LEU B 370 26.29 -10.09 -13.11
N GLY B 371 27.06 -10.69 -12.21
CA GLY B 371 26.52 -11.57 -11.20
C GLY B 371 26.26 -10.84 -9.89
N TYR B 372 25.79 -11.59 -8.90
CA TYR B 372 25.52 -11.00 -7.59
C TYR B 372 26.81 -10.55 -6.92
N TYR B 373 27.79 -11.46 -6.80
CA TYR B 373 29.00 -11.14 -6.07
C TYR B 373 29.84 -10.09 -6.78
N ARG B 374 29.84 -10.08 -8.11
CA ARG B 374 30.62 -9.08 -8.83
C ARG B 374 30.00 -7.70 -8.71
N ALA B 375 28.67 -7.62 -8.81
CA ALA B 375 28.00 -6.32 -8.69
C ALA B 375 28.08 -5.78 -7.27
N LEU B 376 27.99 -6.67 -6.28
CA LEU B 376 28.10 -6.25 -4.88
C LEU B 376 29.53 -5.90 -4.49
N ARG B 377 30.52 -6.43 -5.20
CA ARG B 377 31.90 -6.07 -4.90
C ARG B 377 32.18 -4.61 -5.23
N SER B 378 31.69 -4.13 -6.37
CA SER B 378 31.90 -2.74 -6.74
C SER B 378 31.22 -1.79 -5.76
N ILE B 379 30.10 -2.22 -5.16
CA ILE B 379 29.41 -1.37 -4.20
C ILE B 379 30.20 -1.29 -2.89
N ASP B 380 30.69 -2.43 -2.40
CA ASP B 380 31.42 -2.42 -1.14
C ASP B 380 32.74 -1.66 -1.24
N GLU B 381 33.38 -1.69 -2.42
CA GLU B 381 34.63 -0.96 -2.60
C GLU B 381 34.45 0.54 -2.59
N ARG B 382 33.25 1.03 -2.91
CA ARG B 382 33.00 2.46 -3.04
C ARG B 382 31.96 2.99 -2.07
N LEU B 383 31.36 2.14 -1.25
CA LEU B 383 30.40 2.61 -0.26
C LEU B 383 31.12 3.36 0.85
N PRO B 384 30.90 4.67 1.01
CA PRO B 384 31.56 5.38 2.11
C PRO B 384 31.04 4.89 3.46
N LYS B 385 31.95 4.82 4.43
CA LYS B 385 31.61 4.20 5.71
C LYS B 385 30.56 4.97 6.48
N ASP B 386 30.46 6.29 6.26
CA ASP B 386 29.45 7.11 6.92
C ASP B 386 28.24 7.35 6.03
N ALA B 387 27.83 6.35 5.27
CA ALA B 387 26.65 6.42 4.43
C ALA B 387 25.62 5.41 4.91
N ILE B 388 24.34 5.78 4.80
CA ILE B 388 23.27 4.87 5.14
C ILE B 388 23.02 3.94 3.96
N PHE B 389 23.10 2.64 4.20
CA PHE B 389 22.94 1.63 3.17
C PHE B 389 21.58 0.94 3.37
N VAL B 390 20.70 1.09 2.39
CA VAL B 390 19.38 0.46 2.41
C VAL B 390 19.40 -0.69 1.42
N ALA B 391 19.02 -1.89 1.88
CA ALA B 391 19.03 -3.10 1.06
C ALA B 391 17.67 -3.77 1.15
N GLU B 392 16.98 -3.87 0.02
CA GLU B 392 15.66 -4.47 -0.03
C GLU B 392 15.59 -5.48 -1.15
N GLY B 393 14.98 -6.63 -0.89
CA GLY B 393 14.80 -7.66 -1.88
C GLY B 393 15.02 -9.02 -1.27
N ALA B 394 15.33 -9.99 -2.12
CA ALA B 394 15.61 -11.34 -1.67
C ALA B 394 17.11 -11.61 -1.65
N SER B 395 17.61 -12.25 -2.71
CA SER B 395 19.05 -12.54 -2.79
C SER B 395 19.86 -11.26 -2.85
N THR B 396 19.33 -10.22 -3.51
CA THR B 396 19.99 -8.93 -3.56
C THR B 396 20.32 -8.42 -2.16
N MET B 397 19.33 -8.51 -1.25
CA MET B 397 19.56 -8.10 0.13
C MET B 397 20.33 -9.16 0.91
N ASP B 398 20.02 -10.43 0.70
CA ASP B 398 20.64 -11.49 1.49
C ASP B 398 22.14 -11.57 1.24
N ILE B 399 22.54 -11.55 -0.04
CA ILE B 399 23.97 -11.64 -0.35
C ILE B 399 24.68 -10.35 0.03
N SER B 400 23.97 -9.22 0.05
CA SER B 400 24.59 -7.97 0.48
C SER B 400 24.96 -7.98 1.96
N ARG B 401 24.30 -8.82 2.77
CA ARG B 401 24.71 -8.96 4.17
C ARG B 401 26.11 -9.53 4.28
N THR B 402 26.55 -10.28 3.28
CA THR B 402 27.87 -10.89 3.27
C THR B 402 28.91 -9.98 2.62
N VAL B 403 28.62 -9.48 1.41
CA VAL B 403 29.61 -8.72 0.66
C VAL B 403 29.73 -7.29 1.21
N ILE B 404 28.59 -6.59 1.34
CA ILE B 404 28.63 -5.21 1.80
C ILE B 404 29.01 -5.18 3.27
N ASN B 405 29.98 -4.33 3.62
CA ASN B 405 30.50 -4.24 4.97
C ASN B 405 29.99 -2.96 5.63
N GLN B 406 29.71 -3.06 6.93
CA GLN B 406 29.26 -1.93 7.73
C GLN B 406 30.29 -1.67 8.83
N TYR B 407 30.63 -0.41 9.04
CA TYR B 407 31.66 -0.03 10.00
C TYR B 407 31.16 0.94 11.06
N LEU B 408 30.08 1.68 10.81
CA LEU B 408 29.55 2.61 11.78
C LEU B 408 28.21 2.11 12.32
N PRO B 409 27.88 2.42 13.58
CA PRO B 409 26.64 1.90 14.16
C PRO B 409 25.42 2.44 13.45
N ARG B 410 24.45 1.55 13.22
CA ARG B 410 23.15 1.89 12.63
C ARG B 410 23.33 2.57 11.27
N THR B 411 23.93 1.83 10.34
CA THR B 411 24.14 2.31 8.98
C THR B 411 23.54 1.38 7.93
N ARG B 412 22.80 0.35 8.34
CA ARG B 412 22.16 -0.57 7.42
C ARG B 412 20.68 -0.70 7.77
N LEU B 413 19.83 -0.59 6.76
CA LEU B 413 18.39 -0.78 6.93
C LEU B 413 17.91 -1.76 5.86
N ASP B 414 17.22 -2.81 6.29
CA ASP B 414 16.70 -3.82 5.37
C ASP B 414 15.24 -4.10 5.71
N ALA B 415 14.76 -5.28 5.31
CA ALA B 415 13.37 -5.64 5.54
C ALA B 415 13.06 -5.86 7.01
N GLY B 416 14.06 -6.20 7.81
CA GLY B 416 13.84 -6.36 9.24
C GLY B 416 13.18 -7.68 9.60
N SER B 417 12.64 -7.72 10.82
CA SER B 417 12.06 -8.95 11.34
C SER B 417 10.76 -9.33 10.62
N PHE B 418 10.11 -8.39 9.95
CA PHE B 418 8.88 -8.68 9.24
C PHE B 418 9.11 -9.09 7.80
N GLY B 419 10.35 -8.97 7.30
CA GLY B 419 10.62 -9.29 5.90
C GLY B 419 9.81 -8.49 4.92
N SER B 420 9.49 -7.25 5.26
CA SER B 420 8.55 -6.46 4.47
C SER B 420 9.20 -5.95 3.18
N MET B 421 8.40 -5.92 2.12
CA MET B 421 8.81 -5.34 0.84
C MET B 421 8.01 -4.08 0.60
N GLY B 422 8.67 -3.04 0.12
CA GLY B 422 8.09 -1.74 -0.02
C GLY B 422 8.59 -0.69 0.95
N LEU B 423 9.73 -0.93 1.61
CA LEU B 423 10.32 0.01 2.55
C LEU B 423 11.60 0.65 2.03
N GLY B 424 12.13 0.19 0.90
CA GLY B 424 13.39 0.70 0.37
C GLY B 424 13.40 2.19 0.13
N HIS B 425 12.47 2.68 -0.69
CA HIS B 425 12.39 4.11 -0.95
C HIS B 425 12.13 4.90 0.33
N GLY B 426 11.18 4.43 1.14
CA GLY B 426 10.86 5.14 2.37
C GLY B 426 12.01 5.22 3.33
N PHE B 427 12.75 4.11 3.50
CA PHE B 427 13.91 4.13 4.38
C PHE B 427 14.98 5.09 3.87
N ALA B 428 15.23 5.09 2.56
CA ALA B 428 16.23 5.98 2.00
C ALA B 428 15.83 7.44 2.13
N ILE B 429 14.56 7.75 1.82
CA ILE B 429 14.08 9.13 1.95
C ILE B 429 14.07 9.54 3.42
N GLY B 430 13.72 8.63 4.32
CA GLY B 430 13.75 8.96 5.74
C GLY B 430 15.16 9.13 6.27
N ALA B 431 16.10 8.33 5.76
CA ALA B 431 17.49 8.45 6.20
C ALA B 431 18.11 9.75 5.71
N ALA B 432 17.79 10.15 4.47
CA ALA B 432 18.30 11.42 3.95
C ALA B 432 17.70 12.61 4.68
N THR B 433 16.43 12.49 5.10
CA THR B 433 15.81 13.58 5.86
C THR B 433 16.39 13.67 7.27
N GLN B 434 16.70 12.52 7.86
CA GLN B 434 17.31 12.53 9.20
C GLN B 434 18.72 13.11 9.15
N PHE B 435 19.54 12.64 8.21
CA PHE B 435 20.92 13.10 8.03
C PHE B 435 21.01 13.88 6.73
N PRO B 436 20.86 15.22 6.77
CA PRO B 436 20.86 16.00 5.53
C PRO B 436 22.16 15.87 4.75
N GLY B 437 23.27 16.25 5.36
CA GLY B 437 24.56 16.17 4.70
C GLY B 437 25.19 14.80 4.84
N LYS B 438 24.56 13.78 4.27
CA LYS B 438 25.06 12.41 4.34
C LYS B 438 24.55 11.63 3.15
N ARG B 439 25.44 10.83 2.56
CA ARG B 439 25.08 10.04 1.39
C ARG B 439 24.20 8.86 1.79
N VAL B 440 23.26 8.51 0.92
CA VAL B 440 22.36 7.38 1.13
C VAL B 440 22.40 6.50 -0.10
N ILE B 441 22.59 5.20 0.10
CA ILE B 441 22.64 4.22 -0.98
C ILE B 441 21.49 3.24 -0.78
N CYS B 442 20.63 3.14 -1.78
CA CYS B 442 19.44 2.29 -1.73
C CYS B 442 19.60 1.17 -2.74
N LEU B 443 20.12 0.03 -2.29
CA LEU B 443 20.25 -1.15 -3.13
C LEU B 443 18.95 -1.94 -3.08
N GLN B 444 18.35 -2.18 -4.24
CA GLN B 444 17.09 -2.89 -4.33
C GLN B 444 17.12 -3.88 -5.48
N GLY B 445 16.42 -5.00 -5.30
CA GLY B 445 16.12 -5.85 -6.42
C GLY B 445 15.00 -5.28 -7.27
N ASP B 446 14.90 -5.76 -8.51
CA ASP B 446 13.88 -5.23 -9.40
C ASP B 446 12.48 -5.55 -8.89
N GLY B 447 12.32 -6.64 -8.15
CA GLY B 447 11.01 -6.94 -7.57
C GLY B 447 10.67 -6.00 -6.42
N ALA B 448 11.66 -5.67 -5.59
CA ALA B 448 11.42 -4.77 -4.46
C ALA B 448 11.24 -3.33 -4.91
N PHE B 449 11.87 -2.95 -6.02
CA PHE B 449 11.79 -1.57 -6.49
C PHE B 449 10.37 -1.21 -6.92
N GLY B 450 9.63 -2.16 -7.48
CA GLY B 450 8.32 -1.87 -8.03
C GLY B 450 7.27 -1.51 -6.99
N PHE B 451 7.52 -1.84 -5.72
CA PHE B 451 6.52 -1.56 -4.69
C PHE B 451 6.30 -0.07 -4.50
N ALA B 452 7.33 0.74 -4.69
CA ALA B 452 7.22 2.19 -4.51
C ALA B 452 8.26 2.89 -5.38
N GLY B 453 8.32 2.50 -6.67
CA GLY B 453 9.33 3.05 -7.56
C GLY B 453 9.16 4.52 -7.84
N THR B 454 7.91 5.00 -7.89
CA THR B 454 7.67 6.40 -8.21
C THR B 454 8.14 7.35 -7.12
N GLU B 455 8.44 6.84 -5.92
CA GLU B 455 8.92 7.68 -4.84
C GLU B 455 10.28 8.30 -5.14
N CYS B 456 10.96 7.87 -6.20
CA CYS B 456 12.22 8.51 -6.59
C CYS B 456 12.02 9.97 -6.92
N GLU B 457 10.82 10.34 -7.40
CA GLU B 457 10.54 11.75 -7.68
C GLU B 457 10.62 12.60 -6.42
N VAL B 458 10.31 12.02 -5.25
CA VAL B 458 10.44 12.75 -4.01
C VAL B 458 11.90 13.12 -3.75
N ALA B 459 12.82 12.17 -4.02
CA ALA B 459 14.23 12.48 -3.92
C ALA B 459 14.66 13.50 -4.97
N VAL B 460 13.96 13.54 -6.10
CA VAL B 460 14.22 14.58 -7.10
C VAL B 460 13.62 15.90 -6.66
N ARG B 461 12.41 15.86 -6.10
CA ARG B 461 11.72 17.10 -5.70
C ARG B 461 12.46 17.82 -4.57
N TYR B 462 13.02 17.05 -3.63
CA TYR B 462 13.74 17.63 -2.50
C TYR B 462 15.25 17.56 -2.68
N ASN B 463 15.73 17.04 -3.81
CA ASN B 463 17.15 16.95 -4.12
C ASN B 463 17.92 16.24 -3.00
N LEU B 464 17.55 14.98 -2.77
CA LEU B 464 18.18 14.16 -1.75
C LEU B 464 19.37 13.40 -2.33
N PRO B 465 20.49 13.29 -1.58
CA PRO B 465 21.68 12.57 -2.03
C PRO B 465 21.53 11.06 -1.99
N ILE B 466 20.45 10.55 -2.57
CA ILE B 466 20.15 9.12 -2.59
C ILE B 466 20.53 8.55 -3.94
N THR B 467 21.24 7.44 -3.93
CA THR B 467 21.67 6.75 -5.15
C THR B 467 21.04 5.35 -5.14
N TRP B 468 20.02 5.17 -5.98
CA TRP B 468 19.38 3.86 -6.11
C TRP B 468 20.22 2.94 -7.00
N ILE B 469 20.25 1.67 -6.63
CA ILE B 469 20.93 0.63 -7.41
C ILE B 469 19.98 -0.54 -7.53
N VAL B 470 19.53 -0.83 -8.74
CA VAL B 470 18.52 -1.85 -8.99
C VAL B 470 19.18 -3.03 -9.69
N PHE B 471 18.89 -4.24 -9.22
CA PHE B 471 19.37 -5.48 -9.84
C PHE B 471 18.21 -6.12 -10.59
N ASN B 472 18.13 -5.87 -11.89
CA ASN B 472 17.10 -6.45 -12.74
C ASN B 472 17.55 -7.85 -13.16
N ASN B 473 16.97 -8.87 -12.53
CA ASN B 473 17.30 -10.25 -12.85
C ASN B 473 16.12 -11.03 -13.41
N GLY B 474 15.01 -10.35 -13.69
CA GLY B 474 13.83 -10.98 -14.23
C GLY B 474 12.62 -10.98 -13.31
N GLY B 475 12.72 -10.37 -12.14
CA GLY B 475 11.59 -10.30 -11.24
C GLY B 475 11.87 -10.85 -9.85
N ILE B 476 10.84 -11.38 -9.21
CA ILE B 476 10.97 -12.02 -7.90
C ILE B 476 11.74 -13.32 -8.08
N GLY B 477 13.06 -13.23 -8.09
CA GLY B 477 13.91 -14.34 -8.42
C GLY B 477 14.41 -14.25 -9.86
N GLY B 478 15.48 -15.01 -10.13
CA GLY B 478 16.07 -14.99 -11.46
C GLY B 478 15.18 -15.71 -12.47
N HIS B 479 14.86 -15.02 -13.56
CA HIS B 479 14.00 -15.57 -14.60
C HIS B 479 14.68 -15.40 -15.95
N ARG B 480 15.01 -16.51 -16.59
CA ARG B 480 15.56 -16.47 -17.94
C ARG B 480 14.54 -15.88 -18.90
N ALA B 481 15.05 -15.26 -19.98
CA ALA B 481 14.15 -14.67 -20.97
C ALA B 481 13.31 -15.73 -21.67
N GLU B 482 13.72 -16.99 -21.64
CA GLU B 482 12.94 -18.07 -22.23
C GLU B 482 11.64 -18.32 -21.47
N LEU B 483 11.59 -17.97 -20.19
CA LEU B 483 10.37 -18.20 -19.41
C LEU B 483 9.25 -17.24 -19.84
N PHE B 484 9.61 -16.07 -20.35
CA PHE B 484 8.62 -15.07 -20.76
C PHE B 484 8.06 -15.34 -22.14
N GLU B 485 8.57 -16.33 -22.86
CA GLU B 485 8.11 -16.63 -24.21
C GLU B 485 6.92 -17.58 -24.23
N ARG B 486 6.67 -18.30 -23.14
CA ARG B 486 5.50 -19.15 -23.06
C ARG B 486 4.23 -18.30 -22.98
N ASP B 487 3.10 -18.93 -23.28
CA ASP B 487 1.82 -18.25 -23.18
C ASP B 487 1.55 -17.82 -21.74
N GLN B 488 1.63 -18.76 -20.80
CA GLN B 488 1.46 -18.46 -19.39
C GLN B 488 2.74 -17.81 -18.87
N LYS B 489 2.69 -16.51 -18.61
CA LYS B 489 3.85 -15.81 -18.12
C LYS B 489 4.24 -16.31 -16.72
N PRO B 490 5.53 -16.28 -16.39
CA PRO B 490 5.95 -16.76 -15.07
C PRO B 490 5.33 -15.94 -13.95
N VAL B 491 4.88 -16.63 -12.90
CA VAL B 491 4.14 -15.99 -11.82
C VAL B 491 5.01 -15.01 -11.03
N GLY B 492 6.33 -15.17 -11.07
CA GLY B 492 7.21 -14.27 -10.34
C GLY B 492 8.14 -13.50 -11.26
N GLY B 493 7.80 -13.43 -12.54
CA GLY B 493 8.66 -12.78 -13.51
C GLY B 493 8.30 -11.32 -13.74
N MET B 494 9.33 -10.54 -14.05
CA MET B 494 9.18 -9.14 -14.41
C MET B 494 10.09 -8.83 -15.59
N SER B 495 9.82 -7.72 -16.26
CA SER B 495 10.47 -7.40 -17.53
C SER B 495 11.98 -7.36 -17.37
N LEU B 496 12.67 -8.29 -18.04
CA LEU B 496 14.12 -8.32 -17.99
C LEU B 496 14.73 -7.10 -18.67
N GLY B 497 14.07 -6.56 -19.68
CA GLY B 497 14.54 -5.39 -20.39
C GLY B 497 14.09 -4.07 -19.82
N ALA B 498 13.52 -4.07 -18.62
CA ALA B 498 13.06 -2.82 -18.02
C ALA B 498 14.24 -1.93 -17.67
N ARG B 499 14.11 -0.64 -17.99
CA ARG B 499 15.15 0.35 -17.75
C ARG B 499 14.68 1.27 -16.63
N TYR B 500 14.96 0.86 -15.38
CA TYR B 500 14.58 1.68 -14.24
C TYR B 500 15.39 2.96 -14.14
N ASP B 501 16.55 3.01 -14.81
CA ASP B 501 17.30 4.26 -14.86
C ASP B 501 16.60 5.29 -15.73
N ILE B 502 16.01 4.85 -16.84
CA ILE B 502 15.21 5.75 -17.66
C ILE B 502 13.95 6.18 -16.90
N LEU B 503 13.44 5.32 -16.03
CA LEU B 503 12.35 5.73 -15.14
C LEU B 503 12.79 6.88 -14.22
N MET B 504 14.01 6.78 -13.68
CA MET B 504 14.54 7.86 -12.86
C MET B 504 14.81 9.11 -13.69
N GLN B 505 15.33 8.94 -14.90
CA GLN B 505 15.59 10.08 -15.77
C GLN B 505 14.28 10.80 -16.12
N GLY B 506 13.20 10.05 -16.30
CA GLY B 506 11.91 10.67 -16.56
C GLY B 506 11.39 11.46 -15.38
N LEU B 507 11.76 11.06 -14.16
CA LEU B 507 11.35 11.79 -12.97
C LEU B 507 12.25 12.97 -12.64
N GLY B 508 13.44 13.02 -13.22
CA GLY B 508 14.34 14.14 -13.01
C GLY B 508 15.63 13.80 -12.28
N GLY B 509 16.06 12.54 -12.39
CA GLY B 509 17.28 12.13 -11.73
C GLY B 509 18.33 11.58 -12.68
N ALA B 510 19.57 11.49 -12.22
CA ALA B 510 20.63 10.95 -13.05
C ALA B 510 20.43 9.46 -13.29
N ALA B 511 20.68 9.04 -14.53
CA ALA B 511 20.46 7.66 -14.94
C ALA B 511 21.78 7.00 -15.29
N PHE B 512 21.89 5.71 -14.97
CA PHE B 512 23.08 4.92 -15.27
C PHE B 512 22.66 3.50 -15.59
N ASN B 513 23.31 2.91 -16.61
CA ASN B 513 23.11 1.52 -16.97
C ASN B 513 24.47 0.82 -16.94
N ALA B 514 24.61 -0.14 -16.03
CA ALA B 514 25.88 -0.85 -15.83
C ALA B 514 25.73 -2.27 -16.35
N THR B 515 26.25 -2.51 -17.56
CA THR B 515 26.22 -3.83 -18.17
C THR B 515 27.45 -4.67 -17.84
N ASN B 516 28.45 -4.09 -17.19
CA ASN B 516 29.63 -4.83 -16.78
C ASN B 516 30.23 -4.15 -15.55
N SER B 517 31.30 -4.74 -15.02
CA SER B 517 31.88 -4.24 -13.78
C SER B 517 32.54 -2.88 -13.99
N ASP B 518 33.21 -2.69 -15.12
CA ASP B 518 33.88 -1.41 -15.38
C ASP B 518 32.88 -0.27 -15.50
N GLU B 519 31.71 -0.53 -16.09
CA GLU B 519 30.68 0.49 -16.17
C GLU B 519 30.09 0.78 -14.81
N LEU B 520 29.92 -0.25 -13.98
CA LEU B 520 29.38 -0.05 -12.63
C LEU B 520 30.36 0.72 -11.75
N ASP B 521 31.66 0.46 -11.91
CA ASP B 521 32.65 1.22 -11.16
C ASP B 521 32.56 2.71 -11.46
N ALA B 522 32.44 3.06 -12.75
CA ALA B 522 32.33 4.46 -13.12
C ALA B 522 30.96 5.02 -12.76
N ALA B 523 29.92 4.19 -12.77
CA ALA B 523 28.58 4.68 -12.46
C ALA B 523 28.45 5.02 -10.98
N ILE B 524 29.01 4.19 -10.10
CA ILE B 524 28.92 4.45 -8.67
C ILE B 524 29.75 5.68 -8.30
N GLU B 525 30.99 5.74 -8.77
CA GLU B 525 31.86 6.87 -8.44
C GLU B 525 31.31 8.18 -8.98
N ALA B 526 30.59 8.14 -10.10
CA ALA B 526 30.01 9.36 -10.66
C ALA B 526 28.78 9.78 -9.87
N ALA B 527 27.89 8.83 -9.57
CA ALA B 527 26.66 9.16 -8.84
C ALA B 527 26.96 9.61 -7.43
N LEU B 528 28.04 9.12 -6.82
CA LEU B 528 28.40 9.54 -5.47
C LEU B 528 28.81 10.99 -5.39
N LYS B 529 29.26 11.58 -6.49
CA LYS B 529 29.69 12.98 -6.52
C LYS B 529 28.60 13.91 -7.06
N ILE B 530 27.39 13.41 -7.25
CA ILE B 530 26.27 14.22 -7.73
C ILE B 530 25.55 14.83 -6.54
N ASP B 531 25.25 16.12 -6.61
CA ASP B 531 24.52 16.81 -5.55
C ASP B 531 23.02 16.63 -5.75
N GLY B 532 22.60 15.37 -5.81
CA GLY B 532 21.21 15.04 -6.03
C GLY B 532 20.99 13.54 -6.19
N PRO B 533 19.76 13.16 -6.51
CA PRO B 533 19.44 11.73 -6.63
C PRO B 533 19.93 11.13 -7.94
N SER B 534 20.00 9.80 -7.95
CA SER B 534 20.46 9.06 -9.12
C SER B 534 20.03 7.61 -8.97
N LEU B 535 19.98 6.91 -10.10
CA LEU B 535 19.64 5.50 -10.13
C LEU B 535 20.59 4.78 -11.08
N ILE B 536 21.17 3.68 -10.63
CA ILE B 536 22.06 2.85 -11.43
C ILE B 536 21.33 1.55 -11.74
N ASN B 537 20.99 1.34 -13.01
CA ASN B 537 20.31 0.12 -13.44
C ASN B 537 21.37 -0.91 -13.80
N VAL B 538 21.41 -2.00 -13.05
CA VAL B 538 22.40 -3.06 -13.27
C VAL B 538 21.69 -4.31 -13.77
N PRO B 539 21.67 -4.57 -15.08
CA PRO B 539 21.14 -5.85 -15.57
C PRO B 539 21.95 -7.01 -15.04
N LEU B 540 21.28 -7.92 -14.34
CA LEU B 540 21.93 -9.01 -13.65
C LEU B 540 21.71 -10.32 -14.40
N ASP B 541 22.62 -11.25 -14.22
CA ASP B 541 22.51 -12.57 -14.81
C ASP B 541 21.31 -13.30 -14.21
N PRO B 542 20.31 -13.69 -15.01
CA PRO B 542 19.15 -14.42 -14.44
C PRO B 542 19.51 -15.77 -13.85
N ASP B 543 20.75 -16.24 -14.02
CA ASP B 543 21.23 -17.49 -13.45
C ASP B 543 22.44 -17.25 -12.57
N ALA B 544 22.50 -16.10 -11.92
CA ALA B 544 23.68 -15.73 -11.14
C ALA B 544 23.83 -16.62 -9.90
N LYS B 545 25.07 -16.75 -9.44
CA LYS B 545 25.36 -17.56 -8.26
C LYS B 545 24.80 -16.89 -7.01
N ARG B 546 23.86 -17.56 -6.34
CA ARG B 546 23.38 -17.10 -5.05
C ARG B 546 24.25 -17.56 -3.90
N LYS B 547 24.92 -18.71 -4.05
CA LYS B 547 25.69 -19.35 -3.01
C LYS B 547 27.18 -19.28 -3.31
N PRO B 548 28.04 -19.14 -2.28
CA PRO B 548 29.50 -19.06 -2.44
C PRO B 548 30.08 -20.29 -3.13
N1' TPP C . -4.44 8.69 -0.26
C2' TPP C . -5.39 7.80 -0.61
CM2 TPP C . -5.06 6.36 -0.47
N3' TPP C . -6.61 8.12 -1.07
C4' TPP C . -6.91 9.42 -1.19
N4' TPP C . -8.13 9.72 -1.66
C5' TPP C . -5.97 10.43 -0.85
C6' TPP C . -4.76 9.97 -0.38
C7' TPP C . -6.26 11.91 -0.97
N3 TPP C . -6.35 12.36 -2.39
C2 TPP C . -7.49 12.50 -3.03
S1 TPP C . -7.26 13.00 -4.62
C5 TPP C . -5.55 13.03 -4.40
C4 TPP C . -5.22 12.65 -3.14
CM4 TPP C . -3.86 12.55 -2.55
C6 TPP C . -4.63 13.44 -5.51
C7 TPP C . -5.20 14.52 -6.40
O7 TPP C . -4.18 14.94 -7.33
PA TPP C . -4.21 14.65 -8.88
O1A TPP C . -4.60 13.25 -9.14
O2A TPP C . -2.87 15.07 -9.47
O3A TPP C . -5.29 15.68 -9.42
PB TPP C . -5.38 17.16 -9.97
O1B TPP C . -4.36 18.04 -9.34
O2B TPP C . -5.18 17.01 -11.50
O3B TPP C . -6.81 17.59 -9.71
PB ADP D . -23.53 5.67 -6.07
O1B ADP D . -23.82 4.98 -7.38
O2B ADP D . -22.13 5.45 -5.56
O3B ADP D . -24.02 7.09 -5.98
PA ADP D . -23.88 3.75 -4.05
O1A ADP D . -22.91 2.89 -4.82
O2A ADP D . -23.43 4.38 -2.76
O3A ADP D . -24.46 4.90 -5.02
O5' ADP D . -25.20 2.86 -3.80
C5' ADP D . -25.12 1.45 -3.87
C4' ADP D . -26.41 0.84 -3.36
O4' ADP D . -27.06 0.09 -4.39
C3' ADP D . -26.13 -0.12 -2.20
O3' ADP D . -26.63 0.42 -0.98
C2' ADP D . -26.88 -1.39 -2.56
O2' ADP D . -27.75 -1.76 -1.48
C1' ADP D . -27.67 -1.07 -3.81
N9 ADP D . -27.62 -2.23 -4.74
C8 ADP D . -26.50 -2.86 -5.16
N7 ADP D . -26.81 -3.90 -5.97
C5 ADP D . -28.14 -3.96 -6.08
C6 ADP D . -29.12 -4.81 -6.79
N6 ADP D . -28.71 -5.85 -7.56
N1 ADP D . -30.43 -4.53 -6.63
C2 ADP D . -30.85 -3.51 -5.86
N3 ADP D . -30.02 -2.70 -5.19
C4 ADP D . -28.67 -2.86 -5.26
MG MG E . -2.56 16.78 -10.49
C1 EDO F . -14.31 -38.74 -4.20
O1 EDO F . -13.52 -38.09 -3.19
C2 EDO F . -13.68 -38.50 -5.56
O2 EDO F . -13.57 -37.09 -5.77
C1 EDO G . -30.94 12.73 -29.30
O1 EDO G . -30.92 11.33 -29.62
C2 EDO G . -29.82 13.44 -30.04
O2 EDO G . -28.56 12.86 -29.68
C1 PEG H . -31.42 -9.50 4.77
O1 PEG H . -32.78 -9.53 4.39
C2 PEG H . -30.50 -9.54 3.59
O2 PEG H . -30.43 -8.26 3.00
C3 PEG H . -29.61 -8.22 1.84
C4 PEG H . -30.20 -9.08 0.76
O4 PEG H . -29.48 -8.96 -0.46
N1' TPP I . 5.08 -8.48 -0.22
C2' TPP I . 5.63 -7.90 0.87
CM2 TPP I . 4.97 -6.67 1.40
N3' TPP I . 6.72 -8.33 1.51
C4' TPP I . 7.33 -9.43 1.05
N4' TPP I . 8.42 -9.85 1.70
C5' TPP I . 6.84 -10.11 -0.10
C6' TPP I . 5.71 -9.57 -0.67
C7' TPP I . 7.48 -11.36 -0.68
N3 TPP I . 8.84 -11.10 -1.21
C2 TPP I . 9.95 -11.45 -0.58
S1 TPP I . 11.33 -11.04 -1.44
C5 TPP I . 10.37 -10.35 -2.70
C4 TPP I . 9.05 -10.47 -2.43
CM4 TPP I . 7.91 -10.01 -3.26
C6 TPP I . 11.00 -9.73 -3.91
C7 TPP I . 12.25 -10.46 -4.38
O7 TPP I . 12.67 -9.89 -5.64
PA TPP I . 13.99 -9.06 -5.84
O1A TPP I . 14.04 -7.91 -4.90
O2A TPP I . 14.13 -8.68 -7.31
O3A TPP I . 15.13 -10.12 -5.53
PB TPP I . 16.14 -11.07 -6.30
O1B TPP I . 15.65 -11.36 -7.68
O2B TPP I . 17.47 -10.30 -6.27
O3B TPP I . 16.25 -12.30 -5.42
PB ADP J . 17.55 -9.02 15.21
O1B ADP J . 18.65 -7.99 15.34
O2B ADP J . 16.43 -8.61 14.27
O3B ADP J . 18.00 -10.45 15.04
PA ADP J . 15.31 -8.72 16.89
O1A ADP J . 14.97 -7.37 16.30
O2A ADP J . 14.49 -9.93 16.49
O3A ADP J . 16.87 -9.04 16.66
O5' ADP J . 15.27 -8.56 18.48
C5' ADP J . 15.07 -7.27 19.05
C4' ADP J . 14.95 -7.43 20.55
O4' ADP J . 15.84 -6.54 21.22
C3' ADP J . 13.54 -7.11 21.02
O3' ADP J . 12.89 -8.30 21.46
C2' ADP J . 13.72 -6.16 22.20
O2' ADP J . 13.03 -6.65 23.34
C1' ADP J . 15.23 -6.15 22.45
N9 ADP J . 15.67 -4.80 22.91
C8 ADP J . 15.38 -3.62 22.34
N7 ADP J . 15.92 -2.59 23.05
C5 ADP J . 16.58 -3.12 24.09
C6 ADP J . 17.38 -2.62 25.22
N6 ADP J . 17.59 -1.29 25.40
N1 ADP J . 17.90 -3.52 26.10
C2 ADP J . 17.69 -4.84 25.95
N3 ADP J . 16.98 -5.37 24.94
C4 ADP J . 16.41 -4.59 24.00
MG MG K . 15.54 -9.25 -8.63
C1 EDO L . -1.73 27.81 28.33
O1 EDO L . -3.06 28.30 28.14
C2 EDO L . -0.76 28.59 27.45
O2 EDO L . -0.78 29.98 27.82
#